data_7Z3J
#
_entry.id   7Z3J
#
_cell.length_a   72.760
_cell.length_b   82.440
_cell.length_c   230.110
_cell.angle_alpha   90.000
_cell.angle_beta   90.000
_cell.angle_gamma   90.000
#
_symmetry.space_group_name_H-M   'P 21 21 21'
#
loop_
_entity.id
_entity.type
_entity.pdbx_description
1 polymer '1-phosphatidylinositol 4,5-bisphosphate phosphodiesterase gamma-1'
2 non-polymer 'CALCIUM ION'
3 non-polymer D-MYO-INOSITOL-1,4,5-TRIPHOSPHATE
4 non-polymer GLYCEROL
5 water water
#
_entity_poly.entity_id   1
_entity_poly.type   'polypeptide(L)'
_entity_poly.pdbx_seq_one_letter_code
;SQAEVLHLCRSLEVGTVMTLFYSKKSQRPERKTFQVKLETRQITWSRGADKIEGSIDIREIKEIRPGKTSRDFDRYQEDP
AFRPDQSHCFVILYGMEFRLKTLSLQATSEDEVNMWIKGLTWLMEDTLQAATPLQIERWLRKQFYSVDRNREDRISAKDL
KNMLSQVNYRVPNMRFLRERLTDFEQRSGDITYGQFAQLYRSLMYSAQKTMDLPFLETNTLRTGERPELCQVSLSEFQQF
LLEYQGELWAVDRLQVQEFMLSFLRDPLREIEEPYFFLDELVTFLFSKENSVWNSQLDAVCPETMNNPLSHYWISSSHNT
YLTGDQFSSESSLEAYARCLRMGCRCIELDCWDGPDGMPVIYHGHTLTTKIKFSDVLHTIKEHAFVASEYPVILSIEDHC
SIAQQRNMAQHFRKVLGDTLLTKPVDIAADGLPSPNQLKRKILIKHKKLAEGSAYEEVPTSVMYSENDISNSIKNGILYL
EDPVNHEWYPHYFVLTSSKIYYSEETSSDQGNEDEEEPKEASGSTELHSSEKWFHGKLGAGRDGRHIAERLLTEYCIETG
APDGSFLVRESETFVGDYTLSFWRNGKVQHCRIHSRQDAGTPKFFLTDNLVFDSLYDLITHYQQVPLRCNEFEMRLSEPV
PQTNAHESKEWYHASLTRAQAEHMLMRVPRDGAFLVRKRNEPNSYAISFRAEGKIKHCRVQQEGQTVMLGNSEFDSLVDL
ISYYEKHPLYRKMKLRYPINEEALEKIGSGSTFKCAVKALFDYKAQREDELTFTKSAIIQNVEKQDGGWWRGDYGGKKQL
WFPSNYVEEMINPAILEPEREHLDENSPLGDLLRGVLDVPACQIAIRPEGKNNRLFVFSISMPSVAQWSLDVAADSQEEL
QDWVKKIREVAQTADARLTEGKMMERRKKIALELSELVVYCRPVPFDEEKIGTERACYRDMSSFPETKAEKYVNKAKGKK
FLQYNRLQLSRIYPKGQRLDSSNYDPLPMWICGSQLVALNFQTPDKPMQMNQALFMAGGHCGYVLQPSTMRDEAFDPFDK
SSLRGLEPCVICIEVLGARHLPKNGRGIVCPFVEIEVAGAEYDSTKQKTEFVVDNGLNPVWPAKPFHFQISNPEFAFLRF
VVYEEDMFSDQNFLAQATFPVKGLKTGYRAVPLKNNYSEDLELASLLIKIDIFPAK
;
_entity_poly.pdbx_strand_id   A
#
# COMPACT_ATOMS: atom_id res chain seq x y z
N GLN A 2 10.18 -38.53 3.69
CA GLN A 2 10.41 -37.98 5.02
C GLN A 2 11.90 -37.79 5.32
N ALA A 3 12.69 -38.86 5.12
CA ALA A 3 14.13 -38.75 5.24
C ALA A 3 14.68 -37.82 4.17
N GLU A 4 14.13 -37.90 2.96
CA GLU A 4 14.52 -37.00 1.88
C GLU A 4 14.26 -35.54 2.24
N VAL A 5 13.22 -35.27 3.01
CA VAL A 5 12.94 -33.89 3.40
C VAL A 5 13.96 -33.40 4.43
N LEU A 6 14.26 -34.23 5.44
CA LEU A 6 15.27 -33.88 6.44
C LEU A 6 16.64 -33.72 5.81
N HIS A 7 16.90 -34.48 4.74
CA HIS A 7 18.14 -34.33 3.99
C HIS A 7 18.15 -33.03 3.20
N LEU A 8 17.06 -32.74 2.48
CA LEU A 8 16.96 -31.51 1.71
C LEU A 8 17.16 -30.26 2.57
N CYS A 9 16.42 -30.16 3.67
CA CYS A 9 16.50 -28.98 4.52
C CYS A 9 17.90 -28.78 5.08
N ARG A 10 18.58 -29.88 5.39
CA ARG A 10 19.91 -29.83 5.99
C ARG A 10 20.93 -29.26 5.01
N SER A 11 20.68 -29.39 3.71
CA SER A 11 21.67 -28.95 2.73
C SER A 11 21.59 -27.45 2.48
N LEU A 12 20.39 -26.88 2.42
CA LEU A 12 20.28 -25.45 2.14
C LEU A 12 20.61 -24.57 3.34
N GLU A 13 20.45 -25.08 4.57
CA GLU A 13 20.95 -24.30 5.71
C GLU A 13 22.46 -24.12 5.63
N VAL A 14 23.15 -25.00 4.90
CA VAL A 14 24.56 -24.83 4.58
C VAL A 14 24.72 -23.61 3.68
N GLY A 15 24.13 -23.68 2.49
CA GLY A 15 24.12 -22.52 1.63
C GLY A 15 24.46 -22.77 0.19
N THR A 16 24.39 -21.70 -0.61
CA THR A 16 24.77 -21.66 -2.02
C THR A 16 25.03 -20.22 -2.39
N VAL A 17 25.89 -20.00 -3.37
CA VAL A 17 26.21 -18.67 -3.86
C VAL A 17 25.59 -18.51 -5.25
N MET A 18 24.89 -17.39 -5.46
CA MET A 18 24.23 -17.12 -6.73
C MET A 18 24.22 -15.62 -6.98
N THR A 19 24.19 -15.24 -8.26
CA THR A 19 24.06 -13.85 -8.64
C THR A 19 22.63 -13.35 -8.42
N LEU A 20 22.52 -12.08 -8.05
CA LEU A 20 21.24 -11.45 -7.73
C LEU A 20 20.98 -10.34 -8.73
N PHE A 21 19.80 -10.37 -9.35
CA PHE A 21 19.35 -9.31 -10.23
C PHE A 21 18.38 -8.45 -9.45
N TYR A 22 18.81 -7.26 -9.06
CA TYR A 22 17.97 -6.37 -8.27
C TYR A 22 16.80 -5.88 -9.08
N SER A 23 15.64 -5.77 -8.43
CA SER A 23 14.44 -5.17 -8.99
C SER A 23 14.55 -3.66 -9.11
N LYS A 24 15.79 -3.15 -9.09
CA LYS A 24 16.02 -1.72 -9.15
C LYS A 24 17.03 -1.45 -10.26
N LYS A 25 16.75 -0.45 -11.10
CA LYS A 25 17.49 -0.26 -12.33
C LYS A 25 18.88 0.29 -12.07
N SER A 26 18.97 1.34 -11.23
CA SER A 26 20.24 1.95 -10.86
C SER A 26 21.27 0.96 -10.38
N GLN A 27 20.82 -0.19 -9.88
CA GLN A 27 21.69 -1.25 -9.38
C GLN A 27 22.16 -2.16 -10.51
N ARG A 28 23.36 -2.70 -10.32
CA ARG A 28 23.94 -3.66 -11.23
C ARG A 28 24.06 -5.00 -10.52
N PRO A 29 23.77 -6.10 -11.22
CA PRO A 29 23.79 -7.43 -10.58
C PRO A 29 25.08 -7.72 -9.82
N GLU A 30 24.96 -8.50 -8.74
CA GLU A 30 26.11 -8.90 -7.94
C GLU A 30 25.76 -10.15 -7.14
N ARG A 31 26.79 -10.86 -6.70
CA ARG A 31 26.67 -12.20 -6.12
C ARG A 31 26.69 -12.16 -4.59
N LYS A 32 26.09 -13.19 -3.98
CA LYS A 32 26.06 -13.40 -2.53
C LYS A 32 25.79 -14.89 -2.27
N THR A 33 25.84 -15.27 -0.99
CA THR A 33 25.47 -16.61 -0.57
C THR A 33 24.10 -16.58 0.12
N PHE A 34 23.36 -17.68 0.00
CA PHE A 34 21.97 -17.74 0.44
C PHE A 34 21.73 -18.99 1.29
N GLN A 35 20.87 -18.89 2.29
CA GLN A 35 20.56 -20.08 3.09
C GLN A 35 19.25 -19.90 3.83
N VAL A 36 18.73 -21.03 4.34
CA VAL A 36 17.43 -21.06 5.00
C VAL A 36 17.61 -21.31 6.49
N LYS A 37 17.60 -20.23 7.28
CA LYS A 37 17.56 -20.40 8.72
C LYS A 37 16.29 -21.16 9.10
N LEU A 38 16.46 -22.41 9.53
CA LEU A 38 15.33 -23.29 9.78
C LEU A 38 14.55 -22.88 11.03
N GLU A 39 15.24 -22.47 12.10
CA GLU A 39 14.54 -22.15 13.34
C GLU A 39 13.59 -20.98 13.17
N THR A 40 13.79 -20.17 12.14
CA THR A 40 12.90 -19.05 11.85
C THR A 40 12.21 -19.16 10.50
N ARG A 41 12.66 -20.06 9.63
CA ARG A 41 12.08 -20.28 8.31
C ARG A 41 12.14 -19.01 7.45
N GLN A 42 13.37 -18.50 7.30
CA GLN A 42 13.65 -17.36 6.43
C GLN A 42 14.71 -17.74 5.41
N ILE A 43 14.65 -17.11 4.24
CA ILE A 43 15.77 -17.15 3.30
C ILE A 43 16.63 -15.93 3.60
N THR A 44 17.76 -16.16 4.23
CA THR A 44 18.73 -15.11 4.50
C THR A 44 19.85 -15.21 3.47
N TRP A 45 20.34 -14.05 3.00
CA TRP A 45 21.51 -14.06 2.14
C TRP A 45 22.59 -13.24 2.79
N SER A 46 23.51 -13.95 3.44
CA SER A 46 24.76 -13.38 3.90
C SER A 46 25.54 -12.79 2.72
N ARG A 47 25.91 -11.50 2.84
CA ARG A 47 26.62 -10.79 1.78
C ARG A 47 27.80 -11.60 1.24
N GLY A 48 28.74 -11.94 2.10
CA GLY A 48 29.83 -12.80 1.67
C GLY A 48 30.22 -13.82 2.72
N ALA A 49 29.58 -15.00 2.67
CA ALA A 49 29.89 -16.15 3.53
C ALA A 49 29.81 -15.83 5.03
N ASP A 50 29.31 -14.63 5.37
CA ASP A 50 29.29 -14.20 6.76
C ASP A 50 28.14 -13.24 7.07
N LYS A 51 28.41 -11.93 7.05
CA LYS A 51 27.51 -10.90 7.53
C LYS A 51 26.13 -11.00 6.87
N ILE A 52 25.09 -10.82 7.67
CA ILE A 52 23.69 -11.04 7.23
C ILE A 52 23.10 -9.71 6.78
N GLU A 53 22.83 -9.57 5.48
CA GLU A 53 22.35 -8.31 4.94
C GLU A 53 21.00 -8.38 4.23
N GLY A 54 20.45 -9.57 4.07
CA GLY A 54 19.17 -9.74 3.40
C GLY A 54 18.39 -10.90 3.97
N SER A 55 17.07 -10.80 3.85
CA SER A 55 16.22 -11.82 4.44
C SER A 55 14.84 -11.78 3.79
N ILE A 56 14.21 -12.95 3.70
CA ILE A 56 12.87 -13.11 3.17
C ILE A 56 12.16 -14.12 4.06
N ASP A 57 10.94 -13.80 4.51
CA ASP A 57 10.20 -14.78 5.30
C ASP A 57 9.58 -15.81 4.37
N ILE A 58 9.87 -17.09 4.64
CA ILE A 58 9.35 -18.16 3.78
C ILE A 58 7.82 -18.19 3.80
N ARG A 59 7.19 -17.74 4.89
CA ARG A 59 5.74 -17.74 4.94
C ARG A 59 5.10 -16.79 3.93
N GLU A 60 5.87 -15.88 3.33
CA GLU A 60 5.34 -14.93 2.35
C GLU A 60 5.53 -15.39 0.90
N ILE A 61 6.18 -16.54 0.68
CA ILE A 61 6.45 -17.04 -0.67
C ILE A 61 5.16 -17.51 -1.32
N LYS A 62 4.83 -16.95 -2.47
CA LYS A 62 3.62 -17.37 -3.17
C LYS A 62 3.91 -18.31 -4.32
N GLU A 63 5.06 -18.14 -4.97
CA GLU A 63 5.45 -18.97 -6.09
C GLU A 63 6.97 -19.07 -6.15
N ILE A 64 7.47 -20.27 -6.45
CA ILE A 64 8.88 -20.48 -6.78
C ILE A 64 8.92 -20.90 -8.24
N ARG A 65 9.37 -20.00 -9.10
CA ARG A 65 9.24 -20.17 -10.53
C ARG A 65 10.58 -20.42 -11.19
N PRO A 66 10.75 -21.55 -11.89
CA PRO A 66 12.01 -21.81 -12.60
C PRO A 66 12.13 -20.96 -13.86
N GLY A 67 13.35 -20.52 -14.15
CA GLY A 67 13.62 -19.80 -15.38
C GLY A 67 14.03 -18.36 -15.15
N LYS A 68 14.11 -17.61 -16.24
CA LYS A 68 14.39 -16.18 -16.22
C LYS A 68 13.15 -15.35 -16.47
N THR A 69 12.02 -15.81 -15.96
CA THR A 69 10.71 -15.15 -16.13
C THR A 69 10.57 -14.11 -15.02
N SER A 70 11.06 -12.90 -15.26
CA SER A 70 11.00 -11.82 -14.28
C SER A 70 11.24 -10.49 -14.97
N ARG A 71 10.75 -9.42 -14.34
CA ARG A 71 10.95 -8.07 -14.84
C ARG A 71 12.43 -7.68 -14.79
N ASP A 72 13.07 -7.89 -13.64
CA ASP A 72 14.50 -7.69 -13.46
C ASP A 72 15.31 -8.30 -14.60
N PHE A 73 15.12 -9.59 -14.83
CA PHE A 73 15.79 -10.27 -15.95
C PHE A 73 15.55 -9.55 -17.27
N ASP A 74 14.33 -9.05 -17.49
CA ASP A 74 14.01 -8.38 -18.75
C ASP A 74 14.80 -7.08 -18.91
N ARG A 75 15.19 -6.44 -17.81
CA ARG A 75 15.94 -5.19 -17.89
C ARG A 75 17.31 -5.39 -18.54
N TYR A 76 17.90 -6.57 -18.38
CA TYR A 76 19.12 -6.94 -19.09
C TYR A 76 18.83 -8.24 -19.84
N GLN A 77 18.27 -8.12 -21.04
CA GLN A 77 18.09 -9.28 -21.91
C GLN A 77 18.84 -9.13 -23.23
N GLU A 78 19.24 -7.91 -23.60
CA GLU A 78 20.10 -7.72 -24.76
C GLU A 78 21.51 -7.28 -24.37
N ASP A 79 21.71 -6.78 -23.16
CA ASP A 79 23.04 -6.52 -22.61
C ASP A 79 23.79 -7.84 -22.55
N PRO A 80 24.81 -8.06 -23.39
CA PRO A 80 25.50 -9.35 -23.40
C PRO A 80 26.21 -9.65 -22.09
N ALA A 81 26.64 -8.61 -21.38
CA ALA A 81 27.23 -8.80 -20.06
C ALA A 81 26.26 -9.49 -19.12
N PHE A 82 24.95 -9.34 -19.34
CA PHE A 82 23.92 -9.95 -18.52
C PHE A 82 22.84 -10.59 -19.40
N ARG A 83 23.21 -11.63 -20.15
CA ARG A 83 22.27 -12.45 -20.92
C ARG A 83 22.34 -13.88 -20.39
N PRO A 84 21.85 -14.13 -19.17
CA PRO A 84 22.04 -15.44 -18.54
C PRO A 84 21.24 -16.57 -19.18
N ASP A 85 21.23 -17.71 -18.49
CA ASP A 85 20.60 -18.92 -18.98
C ASP A 85 19.38 -19.24 -18.12
N GLN A 86 18.29 -19.68 -18.76
CA GLN A 86 17.08 -20.02 -18.01
C GLN A 86 17.34 -21.19 -17.06
N SER A 87 18.18 -22.15 -17.47
CA SER A 87 18.51 -23.28 -16.61
C SER A 87 19.27 -22.82 -15.37
N HIS A 88 20.03 -21.73 -15.48
CA HIS A 88 20.81 -21.19 -14.37
C HIS A 88 20.04 -20.17 -13.54
N CYS A 89 18.83 -19.80 -13.96
CA CYS A 89 18.07 -18.71 -13.33
C CYS A 89 16.75 -19.23 -12.78
N PHE A 90 16.36 -18.71 -11.61
CA PHE A 90 15.00 -18.94 -11.11
C PHE A 90 14.56 -17.72 -10.31
N VAL A 91 13.28 -17.72 -9.93
CA VAL A 91 12.64 -16.53 -9.38
C VAL A 91 11.77 -16.95 -8.20
N ILE A 92 11.94 -16.30 -7.06
CA ILE A 92 11.02 -16.42 -5.93
C ILE A 92 10.09 -15.22 -5.96
N LEU A 93 8.79 -15.48 -5.92
CA LEU A 93 7.81 -14.40 -5.82
C LEU A 93 7.16 -14.46 -4.45
N TYR A 94 7.29 -13.38 -3.69
CA TYR A 94 6.93 -13.38 -2.29
C TYR A 94 6.31 -12.03 -1.94
N GLY A 95 5.55 -12.01 -0.85
CA GLY A 95 5.00 -10.75 -0.40
C GLY A 95 3.58 -10.89 0.07
N MET A 96 2.97 -9.81 0.55
CA MET A 96 1.60 -9.88 1.01
C MET A 96 0.71 -8.84 0.36
N GLU A 97 1.12 -8.28 -0.77
CA GLU A 97 0.29 -7.37 -1.54
C GLU A 97 0.04 -7.96 -2.93
N PHE A 98 -0.79 -7.26 -3.71
CA PHE A 98 -1.03 -7.69 -5.09
C PHE A 98 0.26 -7.80 -5.88
N ARG A 99 1.00 -6.70 -6.04
CA ARG A 99 2.32 -6.72 -6.69
C ARG A 99 3.30 -7.46 -5.78
N LEU A 100 3.54 -8.74 -6.06
CA LEU A 100 4.52 -9.51 -5.29
C LEU A 100 5.92 -8.97 -5.50
N LYS A 101 6.74 -9.08 -4.47
CA LYS A 101 8.17 -8.84 -4.61
C LYS A 101 8.82 -10.05 -5.26
N THR A 102 9.95 -9.82 -5.95
CA THR A 102 10.65 -10.87 -6.68
C THR A 102 12.10 -10.97 -6.23
N LEU A 103 12.60 -12.19 -6.19
CA LEU A 103 14.02 -12.48 -5.98
C LEU A 103 14.48 -13.24 -7.22
N SER A 104 15.22 -12.57 -8.10
CA SER A 104 15.62 -13.13 -9.40
C SER A 104 17.08 -13.55 -9.34
N LEU A 105 17.34 -14.85 -9.28
CA LEU A 105 18.65 -15.40 -8.96
C LEU A 105 19.27 -16.14 -10.13
N GLN A 106 20.60 -16.14 -10.18
CA GLN A 106 21.38 -16.84 -11.21
C GLN A 106 22.36 -17.81 -10.54
N ALA A 107 22.07 -19.12 -10.62
CA ALA A 107 22.95 -20.15 -10.09
C ALA A 107 23.86 -20.68 -11.22
N THR A 108 24.46 -21.85 -11.00
CA THR A 108 25.28 -22.50 -12.01
C THR A 108 24.75 -23.87 -12.39
N SER A 109 24.72 -24.82 -11.45
CA SER A 109 24.17 -26.14 -11.72
C SER A 109 22.68 -26.07 -12.04
N GLU A 110 22.19 -27.10 -12.72
CA GLU A 110 20.77 -27.26 -12.95
C GLU A 110 20.11 -28.14 -11.89
N ASP A 111 20.92 -28.80 -11.03
CA ASP A 111 20.44 -29.44 -9.82
C ASP A 111 20.61 -28.56 -8.59
N GLU A 112 21.46 -27.54 -8.66
CA GLU A 112 21.47 -26.47 -7.67
C GLU A 112 20.09 -25.82 -7.60
N VAL A 113 19.67 -25.24 -8.72
CA VAL A 113 18.34 -24.65 -8.83
C VAL A 113 17.28 -25.66 -8.44
N ASN A 114 17.45 -26.93 -8.84
CA ASN A 114 16.42 -27.93 -8.61
C ASN A 114 16.25 -28.25 -7.12
N MET A 115 17.35 -28.28 -6.38
CA MET A 115 17.25 -28.53 -4.94
C MET A 115 16.60 -27.36 -4.22
N TRP A 116 17.03 -26.14 -4.52
CA TRP A 116 16.39 -24.95 -3.96
C TRP A 116 14.90 -24.95 -4.24
N ILE A 117 14.52 -25.17 -5.50
CA ILE A 117 13.11 -25.13 -5.88
C ILE A 117 12.32 -26.17 -5.09
N LYS A 118 12.84 -27.40 -5.01
CA LYS A 118 12.16 -28.43 -4.23
C LYS A 118 12.34 -28.23 -2.72
N GLY A 119 13.46 -27.64 -2.30
CA GLY A 119 13.60 -27.33 -0.89
C GLY A 119 12.57 -26.31 -0.43
N LEU A 120 12.50 -25.18 -1.14
CA LEU A 120 11.55 -24.14 -0.75
C LEU A 120 10.11 -24.60 -0.90
N THR A 121 9.82 -25.47 -1.88
CA THR A 121 8.44 -25.94 -2.07
C THR A 121 7.95 -26.68 -0.83
N TRP A 122 8.77 -27.62 -0.33
CA TRP A 122 8.43 -28.29 0.92
C TRP A 122 8.46 -27.31 2.09
N LEU A 123 9.52 -26.49 2.18
CA LEU A 123 9.63 -25.52 3.25
C LEU A 123 8.40 -24.61 3.30
N MET A 124 8.04 -24.04 2.14
CA MET A 124 6.85 -23.20 2.04
C MET A 124 5.62 -23.90 2.61
N GLU A 125 5.37 -25.14 2.19
CA GLU A 125 4.16 -25.82 2.64
C GLU A 125 4.19 -26.11 4.14
N ASP A 126 5.34 -26.60 4.66
CA ASP A 126 5.42 -26.92 6.09
C ASP A 126 5.32 -25.67 6.95
N THR A 127 5.91 -24.55 6.52
CA THR A 127 5.81 -23.32 7.30
C THR A 127 4.36 -22.87 7.40
N LEU A 128 3.63 -22.91 6.28
CA LEU A 128 2.26 -22.38 6.26
C LEU A 128 1.31 -23.20 7.11
N GLN A 129 1.49 -24.52 7.14
CA GLN A 129 0.62 -25.40 7.90
C GLN A 129 1.18 -25.76 9.27
N ALA A 130 2.38 -25.28 9.61
CA ALA A 130 2.98 -25.54 10.92
C ALA A 130 2.01 -25.17 12.03
N ALA A 131 1.98 -25.99 13.08
CA ALA A 131 1.09 -25.73 14.21
C ALA A 131 1.46 -24.42 14.87
N THR A 132 0.46 -23.75 15.43
CA THR A 132 0.66 -22.39 15.93
C THR A 132 1.76 -22.28 16.99
N PRO A 133 1.88 -23.19 17.97
CA PRO A 133 2.99 -23.03 18.93
C PRO A 133 4.34 -22.92 18.24
N LEU A 134 4.51 -23.62 17.12
CA LEU A 134 5.75 -23.54 16.36
C LEU A 134 5.86 -22.25 15.56
N GLN A 135 4.74 -21.72 15.07
CA GLN A 135 4.78 -20.41 14.41
C GLN A 135 5.12 -19.32 15.42
N ILE A 136 4.46 -19.34 16.57
CA ILE A 136 4.83 -18.40 17.63
C ILE A 136 6.32 -18.52 17.92
N GLU A 137 6.81 -19.75 18.02
CA GLU A 137 8.19 -19.96 18.39
C GLU A 137 9.14 -19.36 17.36
N ARG A 138 8.80 -19.45 16.07
CA ARG A 138 9.64 -18.85 15.04
C ARG A 138 9.52 -17.32 15.01
N TRP A 139 8.34 -16.80 15.34
CA TRP A 139 8.19 -15.35 15.47
C TRP A 139 9.06 -14.82 16.61
N LEU A 140 9.05 -15.49 17.76
CA LEU A 140 9.87 -15.02 18.88
C LEU A 140 11.34 -14.98 18.51
N ARG A 141 11.80 -15.97 17.74
CA ARG A 141 13.20 -15.98 17.33
C ARG A 141 13.48 -14.88 16.32
N LYS A 142 12.53 -14.60 15.43
CA LYS A 142 12.73 -13.54 14.44
C LYS A 142 12.87 -12.18 15.13
N GLN A 143 12.02 -11.90 16.12
CA GLN A 143 12.20 -10.68 16.91
C GLN A 143 13.58 -10.66 17.56
N PHE A 144 14.00 -11.80 18.11
CA PHE A 144 15.25 -11.86 18.86
C PHE A 144 16.46 -11.59 17.96
N TYR A 145 16.63 -12.38 16.90
CA TYR A 145 17.75 -12.23 15.97
C TYR A 145 17.58 -10.96 15.16
N SER A 146 17.25 -9.86 15.84
CA SER A 146 17.05 -8.57 15.18
C SER A 146 17.57 -7.42 16.02
N VAL A 147 18.31 -7.69 17.10
CA VAL A 147 18.98 -6.66 17.89
C VAL A 147 20.42 -7.10 18.18
N ASP A 148 20.94 -6.73 19.37
CA ASP A 148 22.31 -7.09 19.73
C ASP A 148 22.47 -8.60 19.93
N ARG A 149 21.39 -9.29 20.29
CA ARG A 149 21.42 -10.75 20.35
C ARG A 149 21.80 -11.32 18.99
N ASN A 150 22.20 -12.60 19.00
CA ASN A 150 22.88 -13.30 17.92
C ASN A 150 24.38 -13.12 18.11
N ARG A 151 24.80 -11.99 18.71
CA ARG A 151 26.20 -11.68 18.95
C ARG A 151 26.59 -11.98 20.39
N GLU A 152 26.34 -11.03 21.31
CA GLU A 152 26.47 -11.34 22.74
C GLU A 152 25.55 -12.49 23.18
N ASP A 153 24.50 -12.76 22.39
CA ASP A 153 23.40 -13.71 22.65
C ASP A 153 22.50 -13.24 23.78
N ARG A 154 22.61 -11.96 24.18
CA ARG A 154 21.83 -11.37 25.26
C ARG A 154 21.57 -9.92 24.87
N ILE A 155 20.32 -9.50 24.94
CA ILE A 155 19.91 -8.14 24.57
C ILE A 155 19.84 -7.26 25.81
N SER A 156 19.78 -5.94 25.64
CA SER A 156 19.70 -5.02 26.77
C SER A 156 18.31 -5.09 27.40
N ALA A 157 18.01 -4.14 28.29
CA ALA A 157 16.67 -4.01 28.85
C ALA A 157 15.87 -2.90 28.18
N LYS A 158 16.55 -1.97 27.50
CA LYS A 158 15.90 -0.97 26.66
C LYS A 158 15.75 -1.41 25.21
N ASP A 159 16.66 -2.26 24.73
CA ASP A 159 16.40 -2.99 23.49
C ASP A 159 15.03 -3.65 23.55
N LEU A 160 14.72 -4.28 24.68
CA LEU A 160 13.42 -4.90 24.88
C LEU A 160 12.30 -3.88 24.75
N LYS A 161 12.44 -2.72 25.40
CA LYS A 161 11.42 -1.68 25.30
C LYS A 161 11.17 -1.29 23.86
N ASN A 162 12.24 -1.11 23.08
CA ASN A 162 12.07 -0.71 21.69
C ASN A 162 11.48 -1.84 20.86
N MET A 163 11.95 -3.07 21.07
CA MET A 163 11.38 -4.20 20.32
C MET A 163 9.89 -4.37 20.62
N LEU A 164 9.51 -4.25 21.89
CA LEU A 164 8.10 -4.38 22.26
C LEU A 164 7.26 -3.31 21.59
N SER A 165 7.74 -2.06 21.58
CA SER A 165 7.01 -1.00 20.90
C SER A 165 6.93 -1.26 19.41
N GLN A 166 7.96 -1.89 18.83
CA GLN A 166 7.86 -2.28 17.42
C GLN A 166 6.86 -3.39 17.19
N VAL A 167 6.42 -4.08 18.24
CA VAL A 167 5.37 -5.08 18.04
C VAL A 167 4.12 -4.66 18.81
N ASN A 168 3.94 -3.34 18.97
CA ASN A 168 2.67 -2.73 19.37
C ASN A 168 2.40 -2.92 20.86
N TYR A 169 3.44 -2.81 21.69
CA TYR A 169 3.25 -2.91 23.14
C TYR A 169 4.07 -1.83 23.83
N ARG A 170 3.43 -1.12 24.73
CA ARG A 170 4.04 -0.03 25.48
C ARG A 170 3.97 -0.37 26.96
N VAL A 171 5.13 -0.61 27.58
CA VAL A 171 5.21 -0.83 29.02
C VAL A 171 5.06 0.52 29.71
N PRO A 172 4.37 0.61 30.86
CA PRO A 172 4.23 1.90 31.57
C PRO A 172 5.53 2.64 31.77
N ASN A 173 6.51 2.01 32.43
CA ASN A 173 7.84 2.58 32.50
C ASN A 173 8.84 1.45 32.61
N MET A 174 10.10 1.83 32.77
CA MET A 174 11.19 0.88 32.69
C MET A 174 11.18 -0.02 33.93
N ARG A 175 11.45 -1.31 33.70
CA ARG A 175 11.41 -2.36 34.74
C ARG A 175 12.55 -3.35 34.57
N ASP A 190 20.68 -7.52 31.06
CA ASP A 190 20.66 -8.27 29.81
C ASP A 190 19.93 -9.61 29.98
N ILE A 191 19.23 -10.04 28.92
CA ILE A 191 18.40 -11.24 28.93
C ILE A 191 18.73 -12.12 27.73
N THR A 192 18.62 -13.43 27.92
CA THR A 192 18.83 -14.40 26.86
C THR A 192 17.49 -14.84 26.27
N TYR A 193 17.58 -15.62 25.18
CA TYR A 193 16.37 -15.96 24.42
C TYR A 193 15.37 -16.72 25.27
N GLY A 194 15.83 -17.75 25.98
CA GLY A 194 14.93 -18.49 26.84
C GLY A 194 14.19 -17.60 27.80
N GLN A 195 14.87 -16.61 28.36
CA GLN A 195 14.21 -15.67 29.25
C GLN A 195 13.34 -14.69 28.47
N PHE A 196 13.71 -14.38 27.22
CA PHE A 196 12.86 -13.54 26.40
C PHE A 196 11.56 -14.24 26.05
N ALA A 197 11.64 -15.49 25.59
CA ALA A 197 10.43 -16.25 25.28
C ALA A 197 9.59 -16.45 26.54
N GLN A 198 10.23 -16.62 27.68
CA GLN A 198 9.49 -16.74 28.93
C GLN A 198 8.72 -15.45 29.22
N LEU A 199 9.37 -14.30 29.03
CA LEU A 199 8.71 -13.02 29.25
C LEU A 199 7.52 -12.83 28.30
N TYR A 200 7.68 -13.22 27.03
CA TYR A 200 6.58 -13.08 26.08
C TYR A 200 5.38 -13.89 26.53
N ARG A 201 5.59 -15.19 26.80
N ARG A 201 5.60 -15.18 26.80
CA ARG A 201 4.47 -16.04 27.20
CA ARG A 201 4.49 -16.04 27.20
C ARG A 201 3.81 -15.53 28.49
C ARG A 201 3.83 -15.53 28.48
N SER A 202 4.62 -15.00 29.42
CA SER A 202 4.05 -14.51 30.67
C SER A 202 3.26 -13.21 30.45
N LEU A 203 3.77 -12.33 29.59
CA LEU A 203 3.08 -11.07 29.31
C LEU A 203 1.77 -11.32 28.55
N MET A 204 1.80 -12.17 27.51
CA MET A 204 0.58 -12.42 26.75
C MET A 204 -0.54 -12.96 27.65
N TYR A 205 -0.18 -13.77 28.65
CA TYR A 205 -1.21 -14.34 29.50
C TYR A 205 -1.66 -13.35 30.58
N SER A 206 -0.72 -12.70 31.24
CA SER A 206 -1.09 -11.76 32.30
C SER A 206 -1.95 -10.63 31.74
N ALA A 207 -1.53 -10.04 30.62
CA ALA A 207 -2.28 -8.94 30.02
C ALA A 207 -3.70 -9.35 29.65
N GLN A 208 -3.99 -10.65 29.60
CA GLN A 208 -5.31 -11.09 29.16
C GLN A 208 -5.99 -12.04 30.15
N LYS A 209 -5.49 -12.18 31.37
CA LYS A 209 -6.20 -13.01 32.34
C LYS A 209 -7.53 -12.40 32.78
N THR A 210 -7.84 -11.16 32.38
CA THR A 210 -9.12 -10.55 32.74
C THR A 210 -10.27 -10.92 31.81
N MET A 211 -10.01 -11.59 30.68
CA MET A 211 -11.10 -11.90 29.77
C MET A 211 -12.11 -12.83 30.42
N ASP A 212 -13.39 -12.60 30.13
CA ASP A 212 -14.44 -13.44 30.71
C ASP A 212 -14.42 -14.81 30.04
N LEU A 213 -13.84 -15.78 30.74
CA LEU A 213 -13.76 -17.16 30.29
C LEU A 213 -14.31 -18.01 31.42
N PRO A 214 -15.62 -18.27 31.43
CA PRO A 214 -16.20 -19.14 32.47
C PRO A 214 -15.44 -20.45 32.67
N PHE A 215 -15.08 -21.14 31.60
CA PHE A 215 -14.32 -22.39 31.76
C PHE A 215 -13.01 -22.15 32.51
N LEU A 216 -12.38 -21.00 32.32
CA LEU A 216 -11.13 -20.72 33.01
C LEU A 216 -11.32 -19.81 34.21
N GLU A 228 1.02 -19.48 39.28
CA GLU A 228 -0.13 -20.35 39.42
C GLU A 228 -0.48 -21.01 38.09
N LEU A 229 0.54 -21.49 37.35
CA LEU A 229 0.30 -22.07 36.03
C LEU A 229 -0.33 -23.46 36.19
N CYS A 230 -1.65 -23.47 36.34
CA CYS A 230 -2.43 -24.70 36.38
C CYS A 230 -2.29 -25.42 35.06
N GLN A 231 -2.92 -26.60 34.93
CA GLN A 231 -2.93 -27.25 33.63
C GLN A 231 -4.29 -27.87 33.40
N VAL A 232 -4.72 -27.85 32.15
CA VAL A 232 -5.92 -28.53 31.73
C VAL A 232 -5.52 -29.80 31.01
N SER A 233 -6.33 -30.84 31.19
CA SER A 233 -6.00 -32.20 30.78
C SER A 233 -6.80 -32.60 29.55
N LEU A 234 -6.93 -33.91 29.35
CA LEU A 234 -7.67 -34.43 28.19
C LEU A 234 -9.17 -34.47 28.47
N SER A 235 -9.57 -35.06 29.60
CA SER A 235 -10.98 -35.09 29.95
C SER A 235 -11.53 -33.68 30.15
N GLU A 236 -10.67 -32.75 30.54
CA GLU A 236 -11.10 -31.37 30.72
C GLU A 236 -11.29 -30.66 29.38
N PHE A 237 -10.34 -30.85 28.46
CA PHE A 237 -10.43 -30.23 27.14
C PHE A 237 -11.59 -30.83 26.34
N GLN A 238 -11.85 -32.11 26.54
CA GLN A 238 -12.99 -32.76 25.89
C GLN A 238 -14.30 -32.20 26.42
N GLN A 239 -14.41 -32.03 27.73
CA GLN A 239 -15.59 -31.38 28.30
C GLN A 239 -15.81 -30.00 27.70
N PHE A 240 -14.73 -29.33 27.27
CA PHE A 240 -14.83 -28.00 26.69
C PHE A 240 -15.36 -28.07 25.26
N LEU A 241 -14.65 -28.77 24.38
CA LEU A 241 -15.03 -28.93 22.98
C LEU A 241 -16.50 -29.28 22.83
N LEU A 242 -17.02 -30.04 23.79
CA LEU A 242 -18.39 -30.51 23.70
C LEU A 242 -19.37 -29.48 24.28
N GLU A 243 -19.10 -28.97 25.49
CA GLU A 243 -20.08 -28.09 26.12
C GLU A 243 -20.08 -26.70 25.52
N TYR A 244 -18.92 -26.18 25.10
CA TYR A 244 -18.83 -24.82 24.59
C TYR A 244 -18.55 -24.74 23.10
N GLN A 245 -17.75 -25.64 22.54
CA GLN A 245 -17.34 -25.49 21.14
C GLN A 245 -18.25 -26.22 20.15
N GLY A 246 -19.14 -27.09 20.63
CA GLY A 246 -19.97 -27.85 19.71
C GLY A 246 -19.22 -28.75 18.77
N GLU A 247 -18.08 -29.29 19.19
CA GLU A 247 -17.32 -30.25 18.37
C GLU A 247 -17.77 -31.65 18.79
N LEU A 248 -18.72 -32.22 18.05
CA LEU A 248 -19.34 -33.49 18.45
C LEU A 248 -18.39 -34.67 18.29
N TRP A 249 -17.37 -34.53 17.43
CA TRP A 249 -16.40 -35.60 17.23
C TRP A 249 -15.63 -35.90 18.50
N ALA A 250 -15.37 -34.88 19.33
CA ALA A 250 -14.59 -35.01 20.55
C ALA A 250 -15.23 -35.95 21.56
N VAL A 251 -16.43 -36.47 21.31
CA VAL A 251 -16.97 -37.55 22.13
C VAL A 251 -16.03 -38.75 22.09
N ASP A 252 -15.21 -38.84 21.04
CA ASP A 252 -14.10 -39.78 20.98
C ASP A 252 -12.88 -39.18 21.67
N ARG A 253 -12.42 -39.81 22.75
CA ARG A 253 -11.28 -39.26 23.52
C ARG A 253 -9.99 -39.30 22.71
N LEU A 254 -9.65 -40.45 22.12
CA LEU A 254 -8.41 -40.56 21.36
C LEU A 254 -8.36 -39.51 20.26
N GLN A 255 -9.53 -39.05 19.79
CA GLN A 255 -9.56 -37.97 18.81
C GLN A 255 -9.00 -36.69 19.41
N VAL A 256 -9.44 -36.33 20.63
CA VAL A 256 -8.96 -35.13 21.31
C VAL A 256 -7.47 -35.27 21.62
N GLN A 257 -7.08 -36.43 22.14
CA GLN A 257 -5.69 -36.82 22.34
C GLN A 257 -4.81 -36.35 21.18
N GLU A 258 -5.19 -36.71 19.96
N GLU A 258 -5.18 -36.71 19.96
CA GLU A 258 -4.41 -36.32 18.79
CA GLU A 258 -4.39 -36.31 18.80
C GLU A 258 -4.58 -34.82 18.50
C GLU A 258 -4.58 -34.83 18.49
N PHE A 259 -5.79 -34.30 18.72
CA PHE A 259 -6.03 -32.87 18.53
C PHE A 259 -5.10 -32.05 19.39
N MET A 260 -4.92 -32.45 20.66
CA MET A 260 -4.01 -31.74 21.55
C MET A 260 -2.56 -31.97 21.18
N LEU A 261 -2.22 -33.15 20.64
CA LEU A 261 -0.85 -33.41 20.21
C LEU A 261 -0.56 -32.80 18.84
N SER A 262 -1.58 -32.69 17.99
CA SER A 262 -1.44 -31.93 16.76
C SER A 262 -1.18 -30.45 17.03
N PHE A 263 -1.47 -29.97 18.24
CA PHE A 263 -1.24 -28.58 18.60
C PHE A 263 0.16 -28.39 19.18
N LEU A 264 0.47 -29.13 20.26
CA LEU A 264 1.74 -28.91 20.98
C LEU A 264 2.94 -29.23 20.10
N ARG A 265 2.87 -30.31 19.33
CA ARG A 265 3.93 -30.70 18.39
C ARG A 265 5.29 -30.88 19.07
N ASP A 266 5.27 -31.19 20.37
CA ASP A 266 6.49 -31.57 21.07
C ASP A 266 6.49 -33.09 21.18
N PRO A 267 7.43 -33.80 20.54
CA PRO A 267 7.50 -35.27 20.68
C PRO A 267 7.82 -35.74 22.09
N LEU A 268 8.64 -35.00 22.84
CA LEU A 268 8.66 -35.04 24.29
C LEU A 268 7.33 -34.54 24.81
N ARG A 269 7.02 -34.84 26.08
CA ARG A 269 5.70 -34.73 26.70
C ARG A 269 4.58 -35.49 25.96
N GLU A 270 4.86 -36.03 24.77
CA GLU A 270 3.85 -36.76 24.03
C GLU A 270 3.60 -38.13 24.65
N ILE A 271 4.67 -38.83 25.03
CA ILE A 271 4.59 -40.22 25.50
C ILE A 271 3.93 -40.31 26.86
N GLU A 272 3.25 -39.22 27.25
CA GLU A 272 2.32 -39.20 28.38
C GLU A 272 1.05 -38.48 27.94
N GLU A 273 -0.02 -38.66 28.70
CA GLU A 273 -1.34 -38.14 28.34
C GLU A 273 -1.22 -36.65 28.02
N PRO A 274 -1.84 -36.18 26.94
CA PRO A 274 -1.68 -34.78 26.55
C PRO A 274 -2.22 -33.85 27.63
N TYR A 275 -1.50 -32.75 27.86
CA TYR A 275 -1.96 -31.74 28.80
C TYR A 275 -1.57 -30.37 28.27
N PHE A 276 -2.50 -29.43 28.40
CA PHE A 276 -2.27 -28.02 28.13
C PHE A 276 -2.10 -27.27 29.43
N PHE A 277 -1.18 -26.31 29.45
CA PHE A 277 -1.21 -25.31 30.50
C PHE A 277 -2.35 -24.33 30.24
N LEU A 278 -2.78 -23.63 31.30
CA LEU A 278 -3.78 -22.58 31.14
C LEU A 278 -3.35 -21.60 30.05
N ASP A 279 -2.09 -21.13 30.10
CA ASP A 279 -1.63 -20.16 29.10
C ASP A 279 -1.62 -20.78 27.70
N GLU A 280 -1.36 -22.10 27.61
CA GLU A 280 -1.43 -22.77 26.32
C GLU A 280 -2.87 -22.94 25.86
N LEU A 281 -3.82 -23.08 26.80
CA LEU A 281 -5.23 -23.07 26.41
C LEU A 281 -5.64 -21.71 25.84
N VAL A 282 -5.27 -20.62 26.53
CA VAL A 282 -5.61 -19.30 26.02
C VAL A 282 -4.96 -19.07 24.66
N THR A 283 -3.69 -19.45 24.50
CA THR A 283 -3.05 -19.34 23.20
C THR A 283 -3.80 -20.15 22.15
N PHE A 284 -4.31 -21.32 22.53
CA PHE A 284 -5.15 -22.12 21.63
C PHE A 284 -6.37 -21.34 21.18
N LEU A 285 -7.08 -20.71 22.13
CA LEU A 285 -8.30 -20.00 21.80
C LEU A 285 -8.07 -18.95 20.71
N PHE A 286 -6.84 -18.43 20.60
CA PHE A 286 -6.47 -17.43 19.60
C PHE A 286 -5.94 -18.03 18.30
N SER A 287 -5.71 -19.33 18.24
CA SER A 287 -4.97 -19.92 17.13
C SER A 287 -5.89 -20.28 15.98
N LYS A 288 -5.28 -20.42 14.79
CA LYS A 288 -6.00 -20.93 13.63
C LYS A 288 -6.65 -22.29 13.90
N GLU A 289 -6.08 -23.10 14.80
CA GLU A 289 -6.72 -24.38 15.11
C GLU A 289 -8.10 -24.20 15.74
N ASN A 290 -8.35 -23.05 16.37
CA ASN A 290 -9.67 -22.72 16.91
C ASN A 290 -10.45 -21.75 16.04
N SER A 291 -10.22 -21.75 14.73
CA SER A 291 -10.79 -20.69 13.91
C SER A 291 -12.31 -20.76 13.90
N VAL A 292 -12.93 -19.58 13.82
CA VAL A 292 -14.37 -19.52 13.63
C VAL A 292 -14.76 -20.13 12.28
N TRP A 293 -13.82 -20.22 11.32
CA TRP A 293 -14.09 -20.69 9.97
C TRP A 293 -13.95 -22.20 9.89
N ASN A 294 -15.02 -22.86 9.46
CA ASN A 294 -15.04 -24.32 9.27
C ASN A 294 -14.22 -24.67 8.03
N SER A 295 -12.98 -25.13 8.25
CA SER A 295 -12.07 -25.46 7.15
C SER A 295 -12.59 -26.55 6.23
N GLN A 296 -13.68 -27.23 6.61
CA GLN A 296 -14.27 -28.25 5.76
C GLN A 296 -14.89 -27.65 4.52
N LEU A 297 -15.15 -26.35 4.52
CA LEU A 297 -15.68 -25.66 3.36
C LEU A 297 -14.57 -25.15 2.46
N ASP A 298 -13.31 -25.42 2.81
CA ASP A 298 -12.20 -25.11 1.93
C ASP A 298 -12.03 -26.11 0.79
N ALA A 299 -12.75 -27.23 0.77
CA ALA A 299 -12.60 -28.13 -0.37
C ALA A 299 -13.70 -27.86 -1.38
N VAL A 300 -13.44 -28.18 -2.64
CA VAL A 300 -14.50 -28.12 -3.64
C VAL A 300 -15.53 -29.18 -3.30
N CYS A 301 -16.81 -28.83 -3.40
CA CYS A 301 -17.83 -29.86 -3.38
C CYS A 301 -18.20 -30.17 -4.83
N PRO A 302 -17.67 -31.23 -5.43
CA PRO A 302 -18.00 -31.53 -6.83
C PRO A 302 -19.50 -31.69 -7.06
N GLU A 303 -20.26 -32.06 -6.03
CA GLU A 303 -21.70 -32.16 -6.20
C GLU A 303 -22.34 -30.81 -6.52
N THR A 304 -21.79 -29.71 -6.01
CA THR A 304 -22.39 -28.40 -6.23
C THR A 304 -21.98 -27.77 -7.56
N MET A 305 -21.28 -28.52 -8.42
CA MET A 305 -20.70 -28.02 -9.66
C MET A 305 -21.40 -28.57 -10.90
N ASN A 306 -22.67 -28.96 -10.78
CA ASN A 306 -23.41 -29.57 -11.88
C ASN A 306 -24.55 -28.74 -12.44
N ASN A 307 -24.77 -27.52 -11.93
CA ASN A 307 -25.79 -26.64 -12.47
C ASN A 307 -25.24 -25.92 -13.69
N PRO A 308 -26.10 -25.38 -14.56
CA PRO A 308 -25.64 -24.50 -15.64
C PRO A 308 -24.70 -23.41 -15.12
N LEU A 309 -23.77 -22.99 -15.99
CA LEU A 309 -22.85 -21.93 -15.61
C LEU A 309 -23.59 -20.69 -15.10
N SER A 310 -24.79 -20.43 -15.60
CA SER A 310 -25.50 -19.21 -15.21
C SER A 310 -25.87 -19.19 -13.72
N HIS A 311 -25.76 -20.31 -13.01
CA HIS A 311 -26.20 -20.41 -11.63
C HIS A 311 -25.09 -20.14 -10.62
N TYR A 312 -23.92 -19.71 -11.08
CA TYR A 312 -22.73 -19.62 -10.25
C TYR A 312 -22.28 -18.18 -10.16
N TRP A 313 -21.84 -17.76 -8.98
CA TRP A 313 -20.99 -16.59 -8.90
C TRP A 313 -19.62 -17.02 -9.39
N ILE A 314 -19.04 -16.23 -10.30
CA ILE A 314 -17.76 -16.54 -10.94
C ILE A 314 -16.79 -15.42 -10.66
N SER A 315 -15.66 -15.76 -10.04
CA SER A 315 -14.63 -14.80 -9.69
C SER A 315 -14.05 -14.13 -10.94
N SER A 316 -14.13 -12.79 -10.98
CA SER A 316 -13.93 -12.02 -12.19
C SER A 316 -13.13 -10.74 -11.97
N SER A 317 -12.18 -10.52 -12.87
CA SER A 317 -11.27 -9.39 -12.85
C SER A 317 -11.60 -8.43 -13.98
N HIS A 318 -11.45 -7.13 -13.67
CA HIS A 318 -11.54 -6.05 -14.63
C HIS A 318 -10.14 -5.61 -15.03
N ASN A 319 -9.92 -5.42 -16.34
CA ASN A 319 -8.62 -4.97 -16.90
C ASN A 319 -7.45 -5.60 -16.15
N THR A 320 -7.41 -6.92 -16.27
CA THR A 320 -6.57 -7.79 -15.47
C THR A 320 -5.09 -7.44 -15.61
N TYR A 321 -4.69 -6.85 -16.75
CA TYR A 321 -3.29 -6.58 -17.01
C TYR A 321 -2.72 -5.46 -16.13
N LEU A 322 -3.56 -4.68 -15.47
CA LEU A 322 -3.11 -3.46 -14.81
C LEU A 322 -2.66 -3.73 -13.38
N THR A 323 -1.57 -3.08 -12.98
CA THR A 323 -1.06 -3.23 -11.62
C THR A 323 -1.49 -2.13 -10.68
N GLY A 324 -2.01 -1.02 -11.20
CA GLY A 324 -2.30 0.16 -10.41
C GLY A 324 -3.49 0.95 -10.94
N ASP A 325 -3.32 2.23 -11.23
CA ASP A 325 -4.48 3.01 -11.63
C ASP A 325 -4.72 2.76 -13.13
N GLN A 326 -5.83 3.29 -13.65
CA GLN A 326 -6.29 3.00 -14.99
C GLN A 326 -5.65 3.88 -16.05
N PHE A 327 -4.78 4.80 -15.67
CA PHE A 327 -4.33 5.85 -16.57
C PHE A 327 -2.83 5.80 -16.88
N SER A 328 -2.02 5.30 -15.93
CA SER A 328 -0.56 5.40 -16.05
C SER A 328 0.19 4.27 -15.35
N SER A 329 -0.47 3.32 -14.72
CA SER A 329 0.24 2.21 -14.09
C SER A 329 0.76 1.25 -15.14
N GLU A 330 1.60 0.34 -14.67
CA GLU A 330 2.25 -0.65 -15.52
C GLU A 330 1.32 -1.83 -15.78
N SER A 331 1.25 -2.25 -17.04
CA SER A 331 0.63 -3.53 -17.34
C SER A 331 1.66 -4.62 -17.13
N SER A 332 1.24 -5.73 -16.52
CA SER A 332 2.22 -6.74 -16.18
C SER A 332 1.65 -8.11 -16.47
N LEU A 333 2.50 -8.97 -17.05
CA LEU A 333 2.22 -10.41 -17.04
C LEU A 333 1.94 -10.90 -15.63
N GLU A 334 2.72 -10.42 -14.66
CA GLU A 334 2.59 -10.86 -13.26
C GLU A 334 1.19 -10.70 -12.70
N ALA A 335 0.43 -9.73 -13.22
CA ALA A 335 -0.93 -9.52 -12.73
C ALA A 335 -1.87 -10.62 -13.20
N TYR A 336 -1.69 -11.11 -14.43
CA TYR A 336 -2.45 -12.28 -14.85
C TYR A 336 -2.15 -13.45 -13.93
N ALA A 337 -0.87 -13.71 -13.69
CA ALA A 337 -0.51 -14.83 -12.83
C ALA A 337 -1.07 -14.65 -11.42
N ARG A 338 -1.04 -13.43 -10.90
CA ARG A 338 -1.53 -13.21 -9.54
C ARG A 338 -3.02 -13.47 -9.47
N CYS A 339 -3.77 -12.93 -10.45
CA CYS A 339 -5.22 -13.08 -10.43
C CYS A 339 -5.63 -14.54 -10.54
N LEU A 340 -5.09 -15.26 -11.52
CA LEU A 340 -5.47 -16.66 -11.68
C LEU A 340 -5.09 -17.46 -10.44
N ARG A 341 -3.97 -17.13 -9.80
CA ARG A 341 -3.56 -17.82 -8.59
C ARG A 341 -4.40 -17.41 -7.37
N MET A 342 -5.08 -16.26 -7.42
CA MET A 342 -6.07 -15.91 -6.40
C MET A 342 -7.42 -16.55 -6.67
N GLY A 343 -7.50 -17.43 -7.67
CA GLY A 343 -8.72 -18.15 -8.00
C GLY A 343 -9.67 -17.42 -8.93
N CYS A 344 -9.23 -16.33 -9.54
CA CYS A 344 -10.04 -15.64 -10.53
C CYS A 344 -10.25 -16.56 -11.74
N ARG A 345 -11.46 -16.55 -12.30
CA ARG A 345 -11.80 -17.40 -13.44
C ARG A 345 -12.17 -16.64 -14.71
N CYS A 346 -12.59 -15.38 -14.62
CA CYS A 346 -12.82 -14.53 -15.78
C CYS A 346 -11.87 -13.34 -15.74
N ILE A 347 -10.93 -13.33 -16.68
CA ILE A 347 -9.93 -12.28 -16.80
C ILE A 347 -10.15 -11.53 -18.12
N GLU A 348 -9.50 -10.36 -18.23
CA GLU A 348 -9.81 -9.41 -19.29
C GLU A 348 -8.56 -9.06 -20.06
N LEU A 349 -8.68 -9.00 -21.39
CA LEU A 349 -7.58 -8.64 -22.27
C LEU A 349 -8.04 -7.50 -23.18
N ASP A 350 -7.34 -6.35 -23.12
CA ASP A 350 -7.58 -5.21 -24.01
C ASP A 350 -6.56 -5.26 -25.15
N CYS A 351 -6.99 -5.71 -26.34
CA CYS A 351 -6.09 -6.00 -27.46
C CYS A 351 -6.05 -4.87 -28.48
N TRP A 352 -4.86 -4.33 -28.73
CA TRP A 352 -4.61 -3.29 -29.70
C TRP A 352 -3.49 -3.71 -30.64
N ASP A 353 -3.51 -3.17 -31.85
CA ASP A 353 -2.54 -3.53 -32.89
C ASP A 353 -1.12 -3.29 -32.40
N GLY A 354 -0.29 -4.33 -32.45
CA GLY A 354 1.08 -4.23 -31.99
C GLY A 354 2.06 -3.96 -33.12
N PRO A 355 3.32 -3.71 -32.76
CA PRO A 355 4.28 -3.20 -33.75
C PRO A 355 4.74 -4.22 -34.77
N ASP A 356 4.42 -5.50 -34.62
CA ASP A 356 4.98 -6.53 -35.49
C ASP A 356 3.91 -7.51 -35.98
N GLY A 357 2.67 -7.04 -36.13
CA GLY A 357 1.57 -7.89 -36.54
C GLY A 357 0.93 -8.68 -35.41
N MET A 358 1.51 -8.65 -34.19
CA MET A 358 1.02 -9.31 -32.98
C MET A 358 0.50 -8.26 -32.02
N PRO A 359 -0.73 -8.38 -31.53
CA PRO A 359 -1.31 -7.30 -30.74
C PRO A 359 -0.58 -7.09 -29.42
N VAL A 360 -0.76 -5.89 -28.88
CA VAL A 360 -0.28 -5.54 -27.57
C VAL A 360 -1.48 -5.35 -26.64
N ILE A 361 -1.22 -5.37 -25.34
CA ILE A 361 -2.27 -5.21 -24.35
C ILE A 361 -1.92 -4.03 -23.45
N TYR A 362 -2.86 -3.12 -23.31
CA TYR A 362 -2.77 -1.94 -22.45
C TYR A 362 -4.15 -1.30 -22.48
N HIS A 363 -4.36 -0.32 -21.61
CA HIS A 363 -5.61 0.43 -21.56
C HIS A 363 -5.55 1.54 -22.61
N GLY A 364 -6.45 1.48 -23.60
CA GLY A 364 -6.36 2.41 -24.71
C GLY A 364 -6.54 3.85 -24.27
N HIS A 365 -5.93 4.76 -25.04
CA HIS A 365 -6.05 6.19 -24.82
C HIS A 365 -5.45 6.62 -23.49
N THR A 366 -4.50 5.85 -22.95
CA THR A 366 -3.83 6.23 -21.71
C THR A 366 -2.34 5.95 -21.86
N LEU A 367 -1.66 6.02 -20.72
CA LEU A 367 -0.22 5.92 -20.62
C LEU A 367 0.21 4.64 -19.92
N THR A 368 -0.73 3.77 -19.57
CA THR A 368 -0.39 2.44 -19.09
C THR A 368 0.56 1.76 -20.08
N THR A 369 1.49 0.97 -19.55
CA THR A 369 2.50 0.36 -20.42
C THR A 369 1.88 -0.80 -21.18
N LYS A 370 2.55 -1.22 -22.25
CA LYS A 370 2.05 -2.25 -23.16
C LYS A 370 2.82 -3.55 -22.99
N ILE A 371 2.09 -4.65 -22.85
CA ILE A 371 2.66 -5.99 -22.87
C ILE A 371 2.14 -6.73 -24.11
N LYS A 372 2.82 -7.81 -24.46
CA LYS A 372 2.57 -8.52 -25.72
C LYS A 372 1.51 -9.60 -25.54
N PHE A 373 0.58 -9.67 -26.50
CA PHE A 373 -0.47 -10.69 -26.47
C PHE A 373 0.11 -12.09 -26.31
N SER A 374 1.25 -12.35 -26.95
CA SER A 374 1.79 -13.71 -26.91
C SER A 374 2.30 -14.05 -25.52
N ASP A 375 2.99 -13.11 -24.87
CA ASP A 375 3.42 -13.31 -23.50
C ASP A 375 2.25 -13.54 -22.55
N VAL A 376 1.19 -12.74 -22.71
CA VAL A 376 0.00 -12.90 -21.87
C VAL A 376 -0.59 -14.30 -22.01
N LEU A 377 -0.70 -14.78 -23.25
CA LEU A 377 -1.32 -16.09 -23.47
C LEU A 377 -0.52 -17.20 -22.79
N HIS A 378 0.80 -17.16 -22.94
CA HIS A 378 1.64 -18.15 -22.27
C HIS A 378 1.51 -18.04 -20.75
N THR A 379 1.45 -16.82 -20.22
CA THR A 379 1.18 -16.66 -18.80
C THR A 379 -0.14 -17.32 -18.42
N ILE A 380 -1.20 -16.99 -19.16
CA ILE A 380 -2.51 -17.59 -18.91
C ILE A 380 -2.42 -19.10 -18.99
N LYS A 381 -1.76 -19.62 -20.04
CA LYS A 381 -1.57 -21.06 -20.16
C LYS A 381 -0.91 -21.63 -18.93
N GLU A 382 0.23 -21.06 -18.55
CA GLU A 382 1.00 -21.57 -17.41
C GLU A 382 0.23 -21.51 -16.09
N HIS A 383 -0.66 -20.55 -15.90
CA HIS A 383 -1.22 -20.35 -14.56
C HIS A 383 -2.71 -20.61 -14.45
N ALA A 384 -3.41 -20.93 -15.55
CA ALA A 384 -4.88 -20.92 -15.51
C ALA A 384 -5.45 -21.94 -14.54
N PHE A 385 -4.75 -23.05 -14.30
CA PHE A 385 -5.32 -24.14 -13.52
C PHE A 385 -4.47 -24.54 -12.33
N VAL A 386 -3.63 -23.63 -11.85
CA VAL A 386 -2.88 -23.90 -10.62
C VAL A 386 -3.82 -23.86 -9.41
N ALA A 387 -4.67 -22.83 -9.32
CA ALA A 387 -5.56 -22.70 -8.16
C ALA A 387 -6.85 -23.46 -8.31
N SER A 388 -7.20 -23.86 -9.53
CA SER A 388 -8.54 -24.36 -9.78
C SER A 388 -8.56 -25.16 -11.07
N GLU A 389 -9.32 -26.24 -11.07
CA GLU A 389 -9.58 -27.01 -12.29
C GLU A 389 -10.71 -26.40 -13.12
N TYR A 390 -11.37 -25.32 -12.60
CA TYR A 390 -12.63 -24.93 -13.21
C TYR A 390 -12.43 -23.90 -14.31
N PRO A 391 -13.40 -23.80 -15.25
CA PRO A 391 -13.14 -23.11 -16.53
C PRO A 391 -12.75 -21.65 -16.37
N VAL A 392 -11.91 -21.20 -17.31
CA VAL A 392 -11.45 -19.81 -17.36
C VAL A 392 -12.06 -19.14 -18.59
N ILE A 393 -12.55 -17.91 -18.40
CA ILE A 393 -13.18 -17.12 -19.45
C ILE A 393 -12.30 -15.92 -19.72
N LEU A 394 -11.85 -15.78 -20.97
CA LEU A 394 -11.08 -14.62 -21.44
C LEU A 394 -12.04 -13.58 -22.00
N SER A 395 -12.17 -12.43 -21.33
CA SER A 395 -13.00 -11.34 -21.83
C SER A 395 -12.15 -10.47 -22.74
N ILE A 396 -12.43 -10.47 -24.03
CA ILE A 396 -11.54 -9.85 -25.01
C ILE A 396 -12.18 -8.57 -25.50
N GLU A 397 -11.65 -7.43 -25.05
CA GLU A 397 -11.99 -6.15 -25.65
C GLU A 397 -11.03 -5.94 -26.81
N ASP A 398 -11.58 -5.84 -28.00
CA ASP A 398 -10.79 -6.01 -29.22
C ASP A 398 -10.82 -4.72 -30.02
N HIS A 399 -9.66 -4.10 -30.19
CA HIS A 399 -9.51 -2.95 -31.06
C HIS A 399 -8.59 -3.25 -32.24
N CYS A 400 -8.30 -4.53 -32.50
CA CYS A 400 -7.32 -4.90 -33.50
C CYS A 400 -7.88 -4.92 -34.93
N SER A 401 -6.99 -4.65 -35.88
CA SER A 401 -7.32 -4.84 -37.29
C SER A 401 -7.54 -6.32 -37.57
N ILE A 402 -8.10 -6.60 -38.76
CA ILE A 402 -8.54 -7.96 -39.08
C ILE A 402 -7.36 -8.92 -39.12
N ALA A 403 -6.23 -8.48 -39.66
CA ALA A 403 -5.04 -9.32 -39.71
C ALA A 403 -4.57 -9.70 -38.31
N GLN A 404 -4.47 -8.71 -37.41
CA GLN A 404 -4.00 -9.05 -36.07
C GLN A 404 -5.02 -9.90 -35.32
N GLN A 405 -6.31 -9.75 -35.63
CA GLN A 405 -7.30 -10.67 -35.09
C GLN A 405 -7.02 -12.09 -35.58
N ARG A 406 -6.60 -12.24 -36.85
CA ARG A 406 -6.30 -13.57 -37.36
C ARG A 406 -5.12 -14.19 -36.64
N ASN A 407 -4.03 -13.42 -36.48
CA ASN A 407 -2.87 -13.90 -35.72
C ASN A 407 -3.27 -14.30 -34.31
N MET A 408 -4.17 -13.53 -33.67
CA MET A 408 -4.68 -13.92 -32.36
C MET A 408 -5.37 -15.28 -32.43
N ALA A 409 -6.33 -15.40 -33.35
CA ALA A 409 -7.05 -16.67 -33.49
C ALA A 409 -6.08 -17.83 -33.69
N GLN A 410 -5.04 -17.63 -34.50
CA GLN A 410 -4.08 -18.71 -34.75
C GLN A 410 -3.29 -19.05 -33.49
N HIS A 411 -2.90 -18.02 -32.72
CA HIS A 411 -2.14 -18.24 -31.50
C HIS A 411 -2.99 -18.85 -30.40
N PHE A 412 -4.27 -18.44 -30.28
CA PHE A 412 -5.14 -19.11 -29.32
C PHE A 412 -5.16 -20.61 -29.56
N ARG A 413 -5.40 -21.01 -30.82
CA ARG A 413 -5.55 -22.42 -31.14
C ARG A 413 -4.24 -23.18 -30.94
N LYS A 414 -3.13 -22.59 -31.35
CA LYS A 414 -1.83 -23.28 -31.27
C LYS A 414 -1.35 -23.40 -29.83
N VAL A 415 -1.35 -22.29 -29.09
CA VAL A 415 -0.77 -22.29 -27.75
C VAL A 415 -1.65 -23.06 -26.77
N LEU A 416 -2.97 -22.93 -26.87
CA LEU A 416 -3.88 -23.56 -25.91
C LEU A 416 -4.23 -24.98 -26.30
N GLY A 417 -4.31 -25.27 -27.58
CA GLY A 417 -4.58 -26.65 -27.99
C GLY A 417 -5.96 -27.11 -27.55
N ASP A 418 -6.03 -28.35 -27.07
CA ASP A 418 -7.29 -28.87 -26.56
C ASP A 418 -7.79 -28.12 -25.30
N THR A 419 -6.96 -27.29 -24.67
CA THR A 419 -7.42 -26.50 -23.54
C THR A 419 -8.55 -25.56 -23.96
N LEU A 420 -8.37 -24.88 -25.10
CA LEU A 420 -9.39 -24.01 -25.70
C LEU A 420 -10.69 -24.75 -25.98
N LEU A 421 -11.80 -24.11 -25.64
CA LEU A 421 -13.11 -24.59 -26.04
C LEU A 421 -13.41 -24.09 -27.44
N THR A 422 -13.62 -25.02 -28.39
CA THR A 422 -13.86 -24.67 -29.78
C THR A 422 -15.23 -25.09 -30.29
N LYS A 423 -16.02 -25.79 -29.50
CA LYS A 423 -17.31 -26.26 -29.96
C LYS A 423 -18.19 -26.54 -28.76
N PRO A 424 -19.52 -26.51 -28.93
CA PRO A 424 -20.41 -26.70 -27.79
C PRO A 424 -20.25 -28.05 -27.13
N VAL A 425 -20.61 -28.08 -25.85
CA VAL A 425 -20.64 -29.32 -25.10
C VAL A 425 -21.87 -30.16 -25.45
N ASP A 426 -23.01 -29.51 -25.73
CA ASP A 426 -24.26 -30.21 -25.99
C ASP A 426 -25.08 -29.37 -26.96
N ILE A 427 -25.21 -29.82 -28.21
CA ILE A 427 -25.93 -29.04 -29.22
C ILE A 427 -27.43 -28.99 -28.97
N ALA A 428 -27.99 -29.97 -28.27
CA ALA A 428 -29.41 -29.97 -27.97
C ALA A 428 -29.73 -29.39 -26.58
N ALA A 429 -28.75 -28.79 -25.91
CA ALA A 429 -29.01 -28.26 -24.56
C ALA A 429 -29.90 -27.02 -24.62
N ASP A 430 -30.63 -26.77 -23.53
CA ASP A 430 -31.36 -25.52 -23.38
C ASP A 430 -30.79 -24.67 -22.25
N GLY A 431 -29.50 -24.83 -21.97
CA GLY A 431 -28.90 -24.11 -20.87
C GLY A 431 -27.41 -24.33 -20.88
N LEU A 432 -26.70 -23.37 -20.30
CA LEU A 432 -25.25 -23.39 -20.31
C LEU A 432 -24.72 -24.67 -19.67
N PRO A 433 -23.56 -25.14 -20.09
CA PRO A 433 -22.95 -26.31 -19.45
C PRO A 433 -22.53 -26.01 -18.02
N SER A 434 -22.36 -27.09 -17.22
CA SER A 434 -21.94 -26.98 -15.82
C SER A 434 -20.44 -26.72 -15.70
N PRO A 435 -20.00 -26.17 -14.57
CA PRO A 435 -18.55 -26.10 -14.32
C PRO A 435 -17.85 -27.45 -14.45
N ASN A 436 -18.42 -28.52 -13.90
CA ASN A 436 -17.82 -29.84 -14.06
C ASN A 436 -17.65 -30.20 -15.54
N GLN A 437 -18.61 -29.84 -16.38
CA GLN A 437 -18.47 -30.17 -17.81
C GLN A 437 -17.38 -29.35 -18.49
N LEU A 438 -16.87 -28.29 -17.86
CA LEU A 438 -15.90 -27.44 -18.53
C LEU A 438 -14.56 -27.43 -17.82
N LYS A 439 -14.31 -28.38 -16.92
CA LYS A 439 -13.04 -28.43 -16.20
C LYS A 439 -11.87 -28.37 -17.17
N ARG A 440 -10.90 -27.53 -16.85
CA ARG A 440 -9.66 -27.40 -17.60
C ARG A 440 -9.89 -26.89 -19.02
N LYS A 441 -10.97 -26.13 -19.21
CA LYS A 441 -11.29 -25.45 -20.45
C LYS A 441 -11.06 -23.95 -20.31
N ILE A 442 -10.57 -23.33 -21.39
CA ILE A 442 -10.48 -21.89 -21.51
C ILE A 442 -11.48 -21.47 -22.59
N LEU A 443 -12.30 -20.48 -22.29
CA LEU A 443 -13.33 -19.99 -23.20
C LEU A 443 -13.02 -18.57 -23.65
N ILE A 444 -13.37 -18.28 -24.90
CA ILE A 444 -13.19 -16.96 -25.50
C ILE A 444 -14.51 -16.20 -25.44
N LYS A 445 -14.51 -15.03 -24.77
CA LYS A 445 -15.61 -14.09 -24.86
C LYS A 445 -15.18 -12.97 -25.80
N HIS A 446 -15.93 -12.75 -26.87
CA HIS A 446 -15.52 -11.86 -27.95
C HIS A 446 -16.72 -11.65 -28.86
N LYS A 447 -16.78 -10.49 -29.52
CA LYS A 447 -17.88 -10.26 -30.44
C LYS A 447 -17.86 -11.34 -31.51
N LYS A 448 -19.04 -11.74 -31.98
CA LYS A 448 -19.18 -12.83 -32.92
C LYS A 448 -19.96 -12.33 -34.14
N LEU A 449 -19.48 -12.72 -35.32
CA LEU A 449 -20.17 -12.37 -36.56
C LEU A 449 -21.52 -13.05 -36.63
N ALA A 450 -22.50 -12.39 -37.26
CA ALA A 450 -23.68 -13.11 -37.70
C ALA A 450 -23.29 -14.07 -38.81
N GLU A 451 -23.98 -15.21 -38.88
CA GLU A 451 -23.64 -16.27 -39.83
C GLU A 451 -23.64 -15.73 -41.27
N GLY A 452 -22.47 -15.79 -41.91
CA GLY A 452 -22.32 -15.34 -43.27
C GLY A 452 -22.08 -13.84 -43.43
N SER A 453 -22.03 -13.08 -42.33
CA SER A 453 -21.81 -11.65 -42.34
C SER A 453 -20.35 -11.34 -42.03
N ALA A 454 -19.93 -10.10 -42.36
CA ALA A 454 -18.61 -9.59 -41.97
C ALA A 454 -18.66 -8.61 -40.80
N TYR A 455 -19.85 -8.21 -40.37
CA TYR A 455 -20.02 -7.34 -39.21
C TYR A 455 -20.92 -8.03 -38.18
N GLU A 456 -20.64 -7.79 -36.91
CA GLU A 456 -21.52 -8.22 -35.83
C GLU A 456 -22.90 -7.60 -36.02
N GLU A 457 -23.93 -8.38 -35.71
CA GLU A 457 -25.30 -7.86 -35.73
C GLU A 457 -25.51 -6.91 -34.55
N VAL A 458 -24.84 -5.77 -34.58
CA VAL A 458 -24.79 -4.85 -33.42
C VAL A 458 -25.94 -3.84 -33.58
N PRO A 459 -26.89 -3.83 -32.66
CA PRO A 459 -28.06 -2.95 -32.86
C PRO A 459 -28.46 -2.11 -31.64
N THR A 460 -27.51 -1.43 -31.01
CA THR A 460 -27.80 -0.52 -29.92
C THR A 460 -27.35 0.90 -30.29
N SER A 461 -28.28 1.87 -30.18
CA SER A 461 -28.06 3.25 -30.55
C SER A 461 -28.11 4.10 -29.29
N VAL A 462 -26.95 4.61 -28.86
CA VAL A 462 -26.87 5.33 -27.61
C VAL A 462 -25.84 6.46 -27.72
N MET A 463 -26.33 7.70 -27.94
CA MET A 463 -25.49 8.88 -27.98
C MET A 463 -25.27 9.50 -26.61
N TYR A 464 -25.58 8.74 -25.55
CA TYR A 464 -25.22 9.11 -24.18
C TYR A 464 -23.74 8.72 -23.96
N SER A 465 -22.86 9.44 -24.65
CA SER A 465 -21.43 9.21 -24.53
C SER A 465 -20.98 9.55 -23.12
N GLU A 466 -20.48 8.54 -22.39
CA GLU A 466 -20.01 8.74 -21.04
C GLU A 466 -18.78 9.65 -21.07
N ASN A 467 -18.76 10.63 -20.16
CA ASN A 467 -17.63 11.52 -20.00
C ASN A 467 -16.51 10.73 -19.33
N ASP A 468 -15.69 10.03 -20.13
CA ASP A 468 -14.59 9.25 -19.60
C ASP A 468 -13.38 9.34 -20.54
N ILE A 469 -12.29 8.70 -20.14
CA ILE A 469 -11.07 8.88 -20.91
C ILE A 469 -11.17 8.19 -22.27
N SER A 470 -12.13 7.26 -22.44
CA SER A 470 -12.36 6.63 -23.74
C SER A 470 -12.83 7.63 -24.80
N ASN A 471 -13.71 8.55 -24.41
CA ASN A 471 -14.39 9.44 -25.33
C ASN A 471 -13.83 10.86 -25.31
N SER A 472 -12.71 11.07 -24.64
CA SER A 472 -12.13 12.40 -24.54
C SER A 472 -11.33 12.76 -25.80
N ILE A 473 -10.97 14.04 -25.93
CA ILE A 473 -10.23 14.53 -27.09
C ILE A 473 -8.74 14.24 -26.94
N LYS A 474 -8.18 14.50 -25.75
CA LYS A 474 -6.80 14.18 -25.44
C LYS A 474 -6.68 13.93 -23.94
N ASN A 475 -5.77 13.02 -23.61
CA ASN A 475 -5.42 12.61 -22.24
C ASN A 475 -3.91 12.67 -22.15
N GLY A 476 -3.39 13.02 -20.98
CA GLY A 476 -1.94 13.03 -20.84
C GLY A 476 -1.51 13.46 -19.46
N ILE A 477 -0.20 13.37 -19.22
CA ILE A 477 0.42 13.87 -18.01
C ILE A 477 1.09 15.19 -18.34
N LEU A 478 0.67 16.27 -17.68
CA LEU A 478 1.31 17.57 -17.83
C LEU A 478 1.71 18.08 -16.44
N TYR A 479 2.56 19.11 -16.43
CA TYR A 479 3.25 19.52 -15.22
C TYR A 479 2.85 20.93 -14.80
N LEU A 480 2.70 21.11 -13.49
CA LEU A 480 2.26 22.38 -12.92
C LEU A 480 3.21 22.78 -11.79
N GLU A 481 3.67 24.03 -11.83
CA GLU A 481 4.53 24.56 -10.78
C GLU A 481 3.78 24.70 -9.47
N ASP A 482 4.31 24.12 -8.42
CA ASP A 482 3.77 24.32 -7.09
C ASP A 482 4.00 25.78 -6.69
N PRO A 483 2.97 26.52 -6.29
CA PRO A 483 3.16 27.93 -5.93
C PRO A 483 3.92 28.15 -4.64
N VAL A 484 4.17 27.11 -3.84
CA VAL A 484 4.88 27.26 -2.56
C VAL A 484 6.35 26.91 -2.71
N ASN A 485 6.69 25.73 -3.26
CA ASN A 485 8.10 25.41 -3.42
C ASN A 485 8.61 25.57 -4.85
N HIS A 486 7.72 25.91 -5.79
CA HIS A 486 8.13 26.26 -7.17
C HIS A 486 8.74 25.08 -7.92
N GLU A 487 8.38 23.87 -7.51
CA GLU A 487 8.77 22.65 -8.19
C GLU A 487 7.66 22.23 -9.16
N TRP A 488 8.04 21.59 -10.25
CA TRP A 488 7.05 21.05 -11.18
C TRP A 488 6.56 19.71 -10.70
N TYR A 489 5.24 19.52 -10.70
CA TYR A 489 4.64 18.24 -10.36
C TYR A 489 3.75 17.76 -11.49
N PRO A 490 3.69 16.45 -11.74
CA PRO A 490 2.79 15.92 -12.77
C PRO A 490 1.34 15.85 -12.26
N HIS A 491 0.44 16.22 -13.16
CA HIS A 491 -1.00 16.03 -12.98
C HIS A 491 -1.57 15.33 -14.22
N TYR A 492 -2.63 14.55 -14.03
CA TYR A 492 -3.41 14.01 -15.15
C TYR A 492 -4.29 15.10 -15.73
N PHE A 493 -4.19 15.31 -17.04
CA PHE A 493 -5.05 16.24 -17.76
C PHE A 493 -5.94 15.48 -18.75
N VAL A 494 -7.20 15.92 -18.86
CA VAL A 494 -8.18 15.38 -19.81
C VAL A 494 -8.92 16.55 -20.45
N LEU A 495 -8.82 16.65 -21.77
CA LEU A 495 -9.56 17.63 -22.57
C LEU A 495 -10.75 16.95 -23.26
N THR A 496 -11.93 17.49 -23.03
CA THR A 496 -13.11 16.98 -23.71
C THR A 496 -13.52 18.00 -24.77
N SER A 497 -14.76 17.91 -25.26
CA SER A 497 -15.15 18.87 -26.28
C SER A 497 -15.56 20.22 -25.69
N SER A 498 -15.49 20.39 -24.37
CA SER A 498 -15.75 21.71 -23.79
C SER A 498 -14.95 22.00 -22.54
N LYS A 499 -14.22 21.03 -21.99
CA LYS A 499 -13.60 21.29 -20.70
C LYS A 499 -12.25 20.59 -20.62
N ILE A 500 -11.37 21.18 -19.80
CA ILE A 500 -10.15 20.55 -19.33
C ILE A 500 -10.36 20.19 -17.86
N TYR A 501 -10.17 18.92 -17.54
CA TYR A 501 -10.15 18.41 -16.18
C TYR A 501 -8.70 18.10 -15.83
N TYR A 502 -8.25 18.54 -14.66
CA TYR A 502 -6.93 18.15 -14.20
C TYR A 502 -7.02 17.59 -12.78
N SER A 503 -6.13 16.64 -12.48
CA SER A 503 -6.22 15.91 -11.24
C SER A 503 -5.39 16.58 -10.15
N GLU A 504 -5.50 16.06 -8.93
CA GLU A 504 -4.49 16.34 -7.92
C GLU A 504 -3.16 15.74 -8.38
N GLU A 505 -2.07 16.11 -7.73
CA GLU A 505 -0.77 15.70 -8.23
C GLU A 505 -0.61 14.19 -8.13
N THR A 506 0.18 13.63 -9.05
CA THR A 506 0.35 12.19 -9.18
C THR A 506 1.71 11.77 -8.64
N SER A 507 1.76 10.53 -8.12
CA SER A 507 2.88 9.90 -7.41
C SER A 507 3.91 10.83 -6.79
N LEU A 527 34.31 17.74 7.21
CA LEU A 527 35.61 17.23 7.59
C LEU A 527 35.49 16.60 8.98
N HIS A 528 35.45 17.48 9.99
CA HIS A 528 35.03 17.15 11.34
C HIS A 528 33.59 17.54 11.65
N SER A 529 33.01 18.46 10.87
CA SER A 529 31.69 19.03 11.19
C SER A 529 30.56 18.03 11.04
N SER A 530 30.77 16.93 10.29
CA SER A 530 29.76 15.87 10.16
C SER A 530 29.71 14.93 11.36
N GLU A 531 30.76 14.89 12.16
CA GLU A 531 30.89 13.84 13.17
C GLU A 531 29.87 14.07 14.29
N LYS A 532 29.35 12.96 14.84
CA LYS A 532 28.37 13.05 15.92
C LYS A 532 28.96 13.73 17.15
N TRP A 533 30.27 13.64 17.34
CA TRP A 533 30.93 14.14 18.53
C TRP A 533 31.37 15.60 18.40
N PHE A 534 31.22 16.21 17.21
CA PHE A 534 31.62 17.59 17.01
C PHE A 534 30.40 18.50 17.16
N HIS A 535 30.45 19.41 18.13
CA HIS A 535 29.31 20.26 18.43
C HIS A 535 29.52 21.69 18.01
N GLY A 536 30.66 22.01 17.39
CA GLY A 536 30.88 23.37 16.90
C GLY A 536 31.05 24.35 18.04
N LYS A 537 30.68 25.60 17.79
CA LYS A 537 30.73 26.65 18.81
C LYS A 537 29.45 26.60 19.63
N LEU A 538 29.59 26.31 20.93
CA LEU A 538 28.45 26.27 21.85
C LEU A 538 28.19 27.64 22.49
N GLY A 539 29.23 28.39 22.80
CA GLY A 539 29.07 29.72 23.34
C GLY A 539 30.37 30.45 23.12
N ALA A 540 30.44 31.70 23.59
CA ALA A 540 31.66 32.47 23.40
C ALA A 540 32.48 32.63 24.69
N GLY A 541 31.93 32.30 25.84
CA GLY A 541 32.64 32.41 27.10
C GLY A 541 32.37 31.20 27.99
N ARG A 542 32.21 31.41 29.30
CA ARG A 542 31.89 30.24 30.13
C ARG A 542 30.52 29.67 29.85
N ASP A 543 29.67 30.39 29.12
CA ASP A 543 28.38 29.84 28.71
C ASP A 543 28.58 28.59 27.87
N GLY A 544 29.56 28.59 26.97
CA GLY A 544 29.86 27.40 26.19
C GLY A 544 30.40 26.26 27.04
N ARG A 545 31.24 26.56 28.03
CA ARG A 545 31.71 25.49 28.90
C ARG A 545 30.54 24.87 29.66
N HIS A 546 29.62 25.71 30.14
CA HIS A 546 28.47 25.20 30.87
C HIS A 546 27.54 24.41 29.97
N ILE A 547 27.35 24.86 28.72
CA ILE A 547 26.54 24.09 27.80
C ILE A 547 27.18 22.73 27.56
N ALA A 548 28.49 22.69 27.36
CA ALA A 548 29.16 21.42 27.15
C ALA A 548 29.01 20.51 28.37
N GLU A 549 29.16 21.07 29.57
CA GLU A 549 29.01 20.28 30.79
C GLU A 549 27.58 19.76 30.95
N ARG A 550 26.58 20.57 30.58
CA ARG A 550 25.20 20.12 30.62
C ARG A 550 24.95 18.98 29.65
N LEU A 551 25.34 19.16 28.38
CA LEU A 551 25.12 18.12 27.37
C LEU A 551 25.74 16.79 27.79
N LEU A 552 27.01 16.82 28.18
CA LEU A 552 27.71 15.60 28.53
C LEU A 552 27.12 14.98 29.80
N THR A 553 26.81 15.80 30.80
CA THR A 553 26.25 15.28 32.04
C THR A 553 24.89 14.63 31.79
N GLU A 554 24.00 15.32 31.08
CA GLU A 554 22.67 14.76 30.91
C GLU A 554 22.75 13.45 30.14
N TYR A 555 23.57 13.41 29.09
CA TYR A 555 23.72 12.18 28.31
C TYR A 555 24.20 11.04 29.20
N CYS A 556 25.25 11.26 29.99
CA CYS A 556 25.81 10.18 30.80
C CYS A 556 24.85 9.74 31.90
N ILE A 557 24.17 10.69 32.55
CA ILE A 557 23.26 10.32 33.63
C ILE A 557 22.05 9.60 33.06
N GLU A 558 21.43 10.18 32.04
CA GLU A 558 20.20 9.63 31.48
C GLU A 558 20.40 8.29 30.77
N THR A 559 21.60 8.00 30.26
CA THR A 559 21.82 6.73 29.59
C THR A 559 22.77 5.80 30.32
N GLY A 560 23.31 6.19 31.47
CA GLY A 560 24.31 5.36 32.11
C GLY A 560 25.46 5.08 31.17
N ALA A 561 26.03 6.15 30.60
CA ALA A 561 27.09 6.05 29.62
C ALA A 561 28.41 5.70 30.29
N PRO A 562 29.32 5.05 29.56
CA PRO A 562 30.62 4.72 30.14
C PRO A 562 31.47 5.97 30.30
N ASP A 563 32.43 5.85 31.20
CA ASP A 563 33.50 6.84 31.28
C ASP A 563 34.19 6.95 29.93
N GLY A 564 34.67 8.15 29.63
CA GLY A 564 35.27 8.40 28.35
C GLY A 564 34.31 8.87 27.29
N SER A 565 33.01 8.88 27.57
CA SER A 565 32.06 9.48 26.64
C SER A 565 32.32 10.98 26.56
N PHE A 566 32.16 11.54 25.36
CA PHE A 566 32.85 12.80 25.06
C PHE A 566 32.12 13.60 23.99
N LEU A 567 32.52 14.88 23.91
CA LEU A 567 32.18 15.76 22.81
C LEU A 567 33.33 16.72 22.56
N VAL A 568 33.33 17.34 21.38
CA VAL A 568 34.35 18.30 20.97
C VAL A 568 33.62 19.57 20.61
N ARG A 569 34.16 20.72 21.03
CA ARG A 569 33.59 22.00 20.67
C ARG A 569 34.69 22.96 20.30
N GLU A 570 34.32 24.08 19.68
CA GLU A 570 35.28 25.15 19.44
C GLU A 570 35.65 25.83 20.75
N SER A 571 36.94 26.12 20.92
CA SER A 571 37.45 26.71 22.16
C SER A 571 36.90 28.12 22.36
N GLU A 572 36.30 28.36 23.53
CA GLU A 572 35.89 29.72 23.89
C GLU A 572 37.08 30.62 24.21
N THR A 573 38.26 30.07 24.49
CA THR A 573 39.37 30.88 24.97
C THR A 573 40.50 31.02 23.98
N PHE A 574 40.85 29.95 23.25
CA PHE A 574 41.96 29.97 22.31
C PHE A 574 41.38 29.84 20.90
N VAL A 575 41.33 30.96 20.18
CA VAL A 575 40.65 30.98 18.87
C VAL A 575 41.29 29.96 17.94
N GLY A 576 40.43 29.30 17.15
CA GLY A 576 40.85 28.28 16.23
C GLY A 576 41.14 26.95 16.87
N ASP A 577 41.31 26.91 18.20
CA ASP A 577 41.55 25.64 18.88
C ASP A 577 40.22 24.98 19.26
N TYR A 578 40.31 23.82 19.88
CA TYR A 578 39.14 23.08 20.28
C TYR A 578 39.26 22.66 21.73
N THR A 579 38.14 22.21 22.28
CA THR A 579 38.12 21.69 23.63
C THR A 579 37.40 20.36 23.62
N LEU A 580 38.07 19.35 24.14
CA LEU A 580 37.52 18.03 24.34
C LEU A 580 36.93 17.92 25.74
N SER A 581 35.72 17.38 25.85
CA SER A 581 35.11 17.12 27.13
C SER A 581 34.74 15.64 27.23
N PHE A 582 35.13 15.00 28.32
CA PHE A 582 34.78 13.60 28.49
C PHE A 582 34.44 13.32 29.96
N TRP A 583 33.62 12.28 30.14
CA TRP A 583 33.10 11.83 31.43
C TRP A 583 34.12 10.95 32.14
N ARG A 584 34.35 11.24 33.41
CA ARG A 584 35.24 10.43 34.24
C ARG A 584 34.82 10.59 35.69
N ASN A 585 34.49 9.48 36.36
CA ASN A 585 34.14 9.48 37.79
C ASN A 585 33.07 10.52 38.11
N GLY A 586 31.95 10.43 37.38
CA GLY A 586 30.81 11.31 37.59
C GLY A 586 31.05 12.78 37.31
N LYS A 587 32.22 13.12 36.78
CA LYS A 587 32.66 14.50 36.57
C LYS A 587 32.97 14.70 35.09
N VAL A 588 32.92 15.97 34.64
CA VAL A 588 33.34 16.36 33.30
C VAL A 588 34.78 16.87 33.35
N GLN A 589 35.63 16.36 32.47
CA GLN A 589 37.00 16.83 32.26
C GLN A 589 37.13 17.53 30.91
N HIS A 590 37.89 18.64 30.88
CA HIS A 590 38.13 19.41 29.67
C HIS A 590 39.62 19.47 29.36
N CYS A 591 39.97 19.32 28.07
CA CYS A 591 41.33 19.56 27.60
C CYS A 591 41.30 20.31 26.28
N ARG A 592 42.33 21.11 26.07
CA ARG A 592 42.50 21.86 24.84
C ARG A 592 43.05 20.96 23.73
N ILE A 593 42.42 21.01 22.55
CA ILE A 593 43.01 20.41 21.35
C ILE A 593 43.60 21.53 20.51
N HIS A 594 44.93 21.56 20.43
CA HIS A 594 45.61 22.60 19.69
C HIS A 594 45.46 22.39 18.19
N SER A 595 45.44 23.49 17.46
CA SER A 595 45.36 23.51 16.02
C SER A 595 46.44 24.45 15.51
N ARG A 596 47.16 24.02 14.48
CA ARG A 596 48.22 24.81 13.86
C ARG A 596 48.17 24.61 12.36
N GLN A 597 48.08 25.71 11.60
CA GLN A 597 48.20 25.70 10.15
C GLN A 597 49.63 26.02 9.74
N ASP A 598 50.61 25.49 10.46
CA ASP A 598 51.99 25.84 10.20
C ASP A 598 52.56 24.96 9.09
N ALA A 599 53.45 25.53 8.28
CA ALA A 599 54.09 24.85 7.15
C ALA A 599 53.06 24.08 6.32
N GLY A 600 51.98 24.77 5.96
CA GLY A 600 51.07 24.29 4.94
C GLY A 600 50.01 23.31 5.40
N THR A 601 50.39 22.30 6.21
CA THR A 601 49.41 21.27 6.55
C THR A 601 48.94 21.41 8.01
N PRO A 602 47.69 21.04 8.29
CA PRO A 602 47.17 21.15 9.66
C PRO A 602 47.81 20.15 10.62
N LYS A 603 47.85 20.53 11.90
CA LYS A 603 48.44 19.74 12.97
C LYS A 603 47.61 19.92 14.24
N PHE A 604 46.86 18.88 14.62
CA PHE A 604 46.06 18.89 15.84
C PHE A 604 46.72 18.04 16.90
N PHE A 605 46.72 18.53 18.14
CA PHE A 605 47.33 17.78 19.23
C PHE A 605 46.77 18.21 20.58
N LEU A 606 46.54 17.23 21.45
CA LEU A 606 46.40 17.52 22.87
C LEU A 606 47.72 18.07 23.40
N THR A 607 47.63 18.86 24.47
CA THR A 607 48.84 19.44 25.05
C THR A 607 49.85 18.36 25.40
N ASP A 608 51.12 18.62 25.06
CA ASP A 608 52.25 17.75 25.34
C ASP A 608 52.17 16.38 24.68
N ASN A 609 51.25 16.19 23.73
CA ASN A 609 50.86 14.86 23.24
C ASN A 609 51.05 14.77 21.72
N LEU A 610 50.66 13.63 21.14
CA LEU A 610 50.99 13.34 19.74
C LEU A 610 50.25 14.26 18.77
N VAL A 611 50.85 14.47 17.59
CA VAL A 611 50.31 15.37 16.58
C VAL A 611 49.56 14.61 15.50
N PHE A 612 48.42 15.15 15.05
CA PHE A 612 47.55 14.49 14.08
C PHE A 612 47.18 15.44 12.94
N ASP A 613 46.88 14.86 11.78
CA ASP A 613 46.62 15.67 10.58
C ASP A 613 45.19 16.21 10.53
N SER A 614 44.26 15.54 11.18
CA SER A 614 42.86 15.95 11.19
C SER A 614 42.31 15.75 12.59
N LEU A 615 41.21 16.46 12.88
CA LEU A 615 40.53 16.23 14.15
C LEU A 615 39.93 14.83 14.19
N TYR A 616 39.50 14.31 13.04
CA TYR A 616 38.96 12.95 13.00
C TYR A 616 40.02 11.95 13.44
N ASP A 617 41.26 12.11 12.94
CA ASP A 617 42.36 11.19 13.25
C ASP A 617 42.68 11.23 14.74
N LEU A 618 42.79 12.43 15.28
CA LEU A 618 43.02 12.56 16.72
C LEU A 618 41.98 11.75 17.50
N ILE A 619 40.69 11.97 17.26
CA ILE A 619 39.66 11.30 18.07
C ILE A 619 39.68 9.80 17.84
N THR A 620 39.72 9.39 16.56
CA THR A 620 39.78 7.98 16.21
C THR A 620 40.95 7.27 16.89
N HIS A 621 42.10 7.94 16.97
CA HIS A 621 43.25 7.39 17.71
C HIS A 621 42.91 7.24 19.20
N TYR A 622 42.38 8.29 19.84
CA TYR A 622 42.20 8.21 21.29
C TYR A 622 40.97 7.42 21.70
N GLN A 623 40.12 7.03 20.76
CA GLN A 623 39.11 6.00 21.04
C GLN A 623 39.70 4.59 21.06
N GLN A 624 40.95 4.43 20.63
CA GLN A 624 41.57 3.11 20.63
C GLN A 624 42.63 2.95 21.70
N VAL A 625 43.35 4.01 22.04
CA VAL A 625 44.36 4.00 23.10
C VAL A 625 44.16 5.26 23.97
N PRO A 626 44.56 5.19 25.24
CA PRO A 626 44.23 6.30 26.16
C PRO A 626 44.97 7.59 25.84
N LEU A 627 44.27 8.70 26.02
CA LEU A 627 44.90 10.00 26.11
C LEU A 627 45.31 10.27 27.55
N ARG A 628 46.10 11.32 27.73
CA ARG A 628 46.42 11.89 29.04
C ARG A 628 45.87 13.31 29.09
N CYS A 629 45.12 13.63 30.15
CA CYS A 629 44.49 14.94 30.27
C CYS A 629 44.19 15.24 31.73
N ASN A 630 44.63 16.40 32.19
CA ASN A 630 44.48 16.78 33.60
C ASN A 630 45.07 15.70 34.51
N GLU A 631 46.19 15.10 34.07
CA GLU A 631 46.90 14.04 34.77
C GLU A 631 46.10 12.75 34.88
N PHE A 632 45.13 12.54 33.98
CA PHE A 632 44.30 11.33 33.97
C PHE A 632 44.49 10.58 32.65
N GLU A 633 44.47 9.25 32.75
CA GLU A 633 44.50 8.35 31.59
C GLU A 633 43.07 7.93 31.23
N MET A 634 42.71 8.09 29.96
CA MET A 634 41.35 7.76 29.54
C MET A 634 41.31 7.45 28.06
N ARG A 635 40.64 6.37 27.71
CA ARG A 635 40.32 6.06 26.33
C ARG A 635 38.93 6.61 26.04
N LEU A 636 38.78 7.35 24.96
CA LEU A 636 37.47 7.86 24.59
C LEU A 636 36.56 6.71 24.18
N SER A 637 35.27 6.84 24.51
CA SER A 637 34.27 5.79 24.29
C SER A 637 33.10 6.32 23.47
N GLU A 638 31.95 6.56 24.11
CA GLU A 638 30.73 6.87 23.36
C GLU A 638 30.72 8.33 22.93
N PRO A 639 30.46 8.63 21.65
CA PRO A 639 30.30 10.05 21.26
C PRO A 639 28.97 10.59 21.78
N VAL A 640 28.99 11.83 22.29
CA VAL A 640 27.75 12.44 22.74
C VAL A 640 27.06 13.12 21.56
N PRO A 641 25.82 12.75 21.27
CA PRO A 641 25.14 13.30 20.10
C PRO A 641 24.57 14.69 20.38
N GLN A 642 24.48 15.47 19.32
CA GLN A 642 23.80 16.76 19.37
C GLN A 642 22.30 16.57 19.42
N THR A 643 21.64 17.46 20.16
CA THR A 643 20.21 17.35 20.46
C THR A 643 19.38 18.50 19.90
N ASN A 644 20.02 19.55 19.37
CA ASN A 644 19.30 20.74 18.94
C ASN A 644 19.62 21.07 17.49
N ALA A 645 19.78 20.04 16.68
CA ALA A 645 19.97 20.22 15.24
C ALA A 645 18.78 20.93 14.59
N HIS A 646 17.60 20.85 15.20
CA HIS A 646 16.43 21.53 14.65
C HIS A 646 16.60 23.04 14.68
N GLU A 647 17.38 23.57 15.64
CA GLU A 647 17.45 25.01 15.85
C GLU A 647 17.83 25.79 14.60
N SER A 648 18.53 25.18 13.65
CA SER A 648 18.87 25.89 12.42
C SER A 648 18.02 25.48 11.21
N LYS A 649 16.94 24.72 11.39
CA LYS A 649 16.18 24.23 10.24
C LYS A 649 15.12 25.23 9.80
N GLU A 650 14.80 25.19 8.50
CA GLU A 650 13.91 26.18 7.91
C GLU A 650 12.57 26.24 8.63
N TRP A 651 12.11 25.09 9.12
CA TRP A 651 10.79 24.97 9.72
C TRP A 651 10.76 25.28 11.22
N TYR A 652 11.89 25.57 11.85
CA TYR A 652 11.92 25.71 13.30
C TYR A 652 11.81 27.18 13.74
N HIS A 653 10.89 27.46 14.64
CA HIS A 653 10.77 28.81 15.22
C HIS A 653 10.89 28.72 16.74
N ALA A 654 11.94 29.36 17.28
CA ALA A 654 12.16 29.32 18.72
C ALA A 654 11.11 30.11 19.48
N SER A 655 10.52 31.13 18.86
CA SER A 655 9.57 31.99 19.56
C SER A 655 8.39 32.33 18.67
N LEU A 656 7.24 31.70 18.91
CA LEU A 656 6.08 31.76 18.02
C LEU A 656 4.84 31.29 18.76
N THR A 657 3.77 32.08 18.72
CA THR A 657 2.55 31.61 19.37
C THR A 657 1.67 30.81 18.40
N ARG A 658 0.69 30.10 18.97
CA ARG A 658 -0.30 29.40 18.17
C ARG A 658 -0.93 30.32 17.13
N ALA A 659 -1.35 31.51 17.57
CA ALA A 659 -2.03 32.45 16.69
C ALA A 659 -1.10 32.95 15.59
N GLN A 660 0.17 33.16 15.89
CA GLN A 660 1.12 33.56 14.87
C GLN A 660 1.35 32.43 13.86
N ALA A 661 1.49 31.20 14.34
CA ALA A 661 1.67 30.08 13.42
C ALA A 661 0.47 29.96 12.50
N GLU A 662 -0.74 30.10 13.06
CA GLU A 662 -1.93 29.98 12.22
C GLU A 662 -1.99 31.09 11.18
N HIS A 663 -1.65 32.32 11.57
CA HIS A 663 -1.60 33.40 10.59
C HIS A 663 -0.57 33.10 9.51
N MET A 664 0.56 32.50 9.89
CA MET A 664 1.57 32.20 8.89
C MET A 664 1.07 31.14 7.91
N LEU A 665 0.52 30.03 8.43
CA LEU A 665 0.16 28.91 7.55
C LEU A 665 -1.05 29.23 6.69
N MET A 666 -1.96 30.06 7.18
CA MET A 666 -3.11 30.43 6.36
C MET A 666 -2.73 31.27 5.15
N ARG A 667 -1.52 31.83 5.09
CA ARG A 667 -1.04 32.46 3.85
C ARG A 667 -0.59 31.45 2.79
N VAL A 668 -0.55 30.15 3.10
CA VAL A 668 0.06 29.16 2.22
C VAL A 668 -1.06 28.35 1.59
N PRO A 669 -1.28 28.46 0.28
CA PRO A 669 -2.44 27.79 -0.33
C PRO A 669 -2.22 26.35 -0.75
N ARG A 670 -1.45 25.57 0.02
CA ARG A 670 -1.31 24.13 -0.20
C ARG A 670 -1.36 23.40 1.12
N ASP A 671 -1.88 22.18 1.11
CA ASP A 671 -1.80 21.36 2.30
C ASP A 671 -0.37 20.86 2.48
N GLY A 672 -0.01 20.51 3.73
CA GLY A 672 1.33 20.12 4.05
C GLY A 672 2.28 21.26 4.36
N ALA A 673 1.79 22.51 4.37
CA ALA A 673 2.58 23.59 4.94
C ALA A 673 2.73 23.35 6.44
N PHE A 674 3.94 23.51 6.95
CA PHE A 674 4.16 23.19 8.35
C PHE A 674 5.28 24.04 8.96
N LEU A 675 5.32 24.01 10.29
CA LEU A 675 6.39 24.63 11.05
C LEU A 675 6.39 23.97 12.42
N VAL A 676 7.54 24.00 13.09
CA VAL A 676 7.62 23.58 14.48
C VAL A 676 7.90 24.81 15.35
N ARG A 677 7.19 24.92 16.46
CA ARG A 677 7.40 26.03 17.38
C ARG A 677 7.68 25.49 18.78
N LYS A 678 8.64 26.13 19.46
CA LYS A 678 8.84 25.87 20.88
C LYS A 678 7.66 26.44 21.65
N ARG A 679 7.27 25.78 22.73
CA ARG A 679 6.20 26.27 23.59
C ARG A 679 6.78 26.87 24.86
N ASN A 680 5.90 27.55 25.62
CA ASN A 680 6.31 28.35 26.77
C ASN A 680 6.78 27.50 27.95
N GLU A 681 6.31 26.25 28.05
CA GLU A 681 6.73 25.27 29.05
C GLU A 681 8.00 24.54 28.59
N PRO A 682 8.84 24.08 29.51
CA PRO A 682 10.07 23.40 29.09
C PRO A 682 9.83 22.07 28.38
N ASN A 683 10.83 21.68 27.58
CA ASN A 683 10.88 20.41 26.85
C ASN A 683 9.59 20.15 26.07
N SER A 684 9.02 21.19 25.50
CA SER A 684 7.72 21.08 24.88
C SER A 684 7.68 21.90 23.60
N TYR A 685 7.03 21.33 22.59
CA TYR A 685 7.01 21.87 21.23
C TYR A 685 5.63 21.62 20.64
N ALA A 686 5.37 22.23 19.49
CA ALA A 686 4.17 21.88 18.73
C ALA A 686 4.49 21.89 17.25
N ILE A 687 3.85 20.97 16.52
CA ILE A 687 3.80 21.04 15.04
C ILE A 687 2.53 21.76 14.66
N SER A 688 2.66 22.80 13.86
CA SER A 688 1.52 23.45 13.24
C SER A 688 1.57 23.12 11.75
N PHE A 689 0.42 22.71 11.19
CA PHE A 689 0.39 22.36 9.78
C PHE A 689 -1.00 22.63 9.21
N ARG A 690 -1.05 22.77 7.88
CA ARG A 690 -2.27 23.07 7.17
C ARG A 690 -2.78 21.82 6.47
N ALA A 691 -4.07 21.54 6.65
CA ALA A 691 -4.71 20.38 6.03
C ALA A 691 -6.15 20.74 5.79
N GLU A 692 -6.63 20.47 4.56
CA GLU A 692 -7.99 20.78 4.16
C GLU A 692 -8.32 22.23 4.46
N GLY A 693 -7.38 23.12 4.12
CA GLY A 693 -7.58 24.55 4.28
C GLY A 693 -7.70 25.05 5.71
N LYS A 694 -7.48 24.20 6.71
CA LYS A 694 -7.54 24.55 8.13
C LYS A 694 -6.19 24.29 8.78
N ILE A 695 -5.99 24.83 9.98
CA ILE A 695 -4.73 24.67 10.69
C ILE A 695 -4.93 23.72 11.86
N LYS A 696 -4.03 22.75 11.98
CA LYS A 696 -4.01 21.80 13.08
C LYS A 696 -2.67 21.88 13.81
N HIS A 697 -2.66 21.37 15.04
CA HIS A 697 -1.53 21.50 15.96
C HIS A 697 -1.40 20.23 16.77
N CYS A 698 -0.18 19.77 17.00
CA CYS A 698 -0.05 18.69 17.96
C CYS A 698 1.22 18.89 18.78
N ARG A 699 1.12 18.57 20.06
CA ARG A 699 2.24 18.77 20.99
C ARG A 699 3.30 17.69 20.81
N VAL A 700 4.56 18.10 20.84
CA VAL A 700 5.69 17.18 20.85
C VAL A 700 6.45 17.41 22.15
N GLN A 701 6.55 16.36 22.95
CA GLN A 701 7.22 16.44 24.24
C GLN A 701 8.56 15.78 24.14
N GLN A 702 9.57 16.39 24.74
CA GLN A 702 10.90 15.82 24.83
C GLN A 702 11.11 15.27 26.23
N GLU A 703 11.49 14.00 26.33
CA GLU A 703 11.73 13.32 27.60
C GLU A 703 13.12 12.73 27.51
N GLY A 704 14.12 13.47 27.99
CA GLY A 704 15.48 12.98 27.92
C GLY A 704 16.00 12.97 26.50
N GLN A 705 16.64 11.86 26.12
CA GLN A 705 17.26 11.69 24.81
C GLN A 705 16.26 11.31 23.71
N THR A 706 14.97 11.34 24.01
CA THR A 706 13.96 11.04 23.01
C THR A 706 12.93 12.16 22.94
N VAL A 707 12.11 12.11 21.88
CA VAL A 707 10.94 12.97 21.74
C VAL A 707 9.73 12.10 21.45
N MET A 708 8.56 12.59 21.84
CA MET A 708 7.32 11.83 21.75
C MET A 708 6.26 12.67 21.06
N LEU A 709 5.49 12.06 20.18
CA LEU A 709 4.31 12.66 19.56
C LEU A 709 3.18 11.66 19.71
N GLY A 710 2.22 11.98 20.58
CA GLY A 710 1.29 10.95 21.03
C GLY A 710 2.11 9.85 21.67
N ASN A 711 2.00 8.63 21.12
CA ASN A 711 2.79 7.50 21.60
C ASN A 711 3.94 7.16 20.66
N SER A 712 4.16 7.94 19.60
CA SER A 712 5.21 7.67 18.62
C SER A 712 6.52 8.32 19.08
N GLU A 713 7.53 7.48 19.29
CA GLU A 713 8.82 7.88 19.83
C GLU A 713 9.87 8.09 18.73
N PHE A 714 10.67 9.15 18.86
CA PHE A 714 11.73 9.47 17.91
C PHE A 714 12.99 9.90 18.66
N ASP A 715 14.11 9.96 17.94
CA ASP A 715 15.39 10.30 18.54
C ASP A 715 15.51 11.78 18.84
N SER A 716 14.84 12.62 18.04
CA SER A 716 15.00 14.05 18.11
C SER A 716 13.91 14.67 17.26
N LEU A 717 13.69 15.97 17.49
CA LEU A 717 12.78 16.73 16.63
C LEU A 717 13.16 16.58 15.16
N VAL A 718 14.45 16.61 14.86
CA VAL A 718 14.92 16.52 13.48
C VAL A 718 14.53 15.18 12.86
N ASP A 719 14.79 14.08 13.57
N ASP A 719 14.80 14.07 13.57
CA ASP A 719 14.40 12.76 13.07
CA ASP A 719 14.41 12.74 13.10
C ASP A 719 12.89 12.64 12.96
C ASP A 719 12.90 12.60 13.00
N LEU A 720 12.16 13.27 13.89
CA LEU A 720 10.71 13.24 13.83
C LEU A 720 10.21 13.88 12.54
N ILE A 721 10.66 15.10 12.26
CA ILE A 721 10.17 15.81 11.09
C ILE A 721 10.60 15.09 9.83
N SER A 722 11.81 14.52 9.82
CA SER A 722 12.25 13.77 8.64
C SER A 722 11.36 12.54 8.42
N TYR A 723 10.87 11.93 9.50
CA TYR A 723 9.96 10.79 9.34
C TYR A 723 8.66 11.21 8.66
N TYR A 724 8.10 12.35 9.06
CA TYR A 724 6.81 12.75 8.53
C TYR A 724 6.91 13.58 7.26
N GLU A 725 8.12 13.84 6.76
CA GLU A 725 8.24 14.24 5.38
C GLU A 725 8.16 13.02 4.44
N LYS A 726 8.45 11.81 4.95
CA LYS A 726 8.42 10.59 4.15
C LYS A 726 7.16 9.76 4.36
N HIS A 727 6.50 9.86 5.50
CA HIS A 727 5.27 9.16 5.80
C HIS A 727 4.18 10.16 6.13
N PRO A 728 2.90 9.81 5.90
CA PRO A 728 1.83 10.74 6.28
C PRO A 728 1.75 10.89 7.79
N LEU A 729 1.55 12.14 8.23
CA LEU A 729 1.27 12.49 9.62
C LEU A 729 -0.23 12.52 9.91
N TYR A 730 -0.99 13.18 9.04
CA TYR A 730 -2.43 13.34 9.17
C TYR A 730 -3.08 12.84 7.87
N ARG A 731 -3.99 11.88 7.98
CA ARG A 731 -4.60 11.22 6.84
C ARG A 731 -3.55 10.87 5.79
N LYS A 732 -3.63 11.48 4.60
CA LYS A 732 -2.63 11.18 3.58
C LYS A 732 -1.61 12.28 3.43
N MET A 733 -1.69 13.28 4.30
CA MET A 733 -0.87 14.50 4.26
C MET A 733 0.53 14.25 4.83
N LYS A 734 1.55 14.46 4.02
CA LYS A 734 2.91 14.53 4.52
C LYS A 734 3.29 15.98 4.80
N LEU A 735 4.34 16.16 5.60
CA LEU A 735 4.92 17.49 5.81
C LEU A 735 5.76 17.84 4.59
N ARG A 736 5.38 18.87 3.85
CA ARG A 736 6.08 19.12 2.61
C ARG A 736 6.77 20.47 2.53
N TYR A 737 6.18 21.54 3.06
CA TYR A 737 6.77 22.88 2.92
C TYR A 737 7.14 23.47 4.29
N PRO A 738 8.42 23.67 4.58
CA PRO A 738 8.81 24.38 5.82
C PRO A 738 8.53 25.87 5.70
N ILE A 739 7.73 26.40 6.61
CA ILE A 739 7.28 27.78 6.51
C ILE A 739 8.09 28.67 7.45
N ASN A 740 8.76 29.64 6.85
CA ASN A 740 9.48 30.71 7.52
C ASN A 740 9.22 31.97 6.71
N GLU A 741 9.90 33.06 7.06
CA GLU A 741 9.66 34.34 6.40
C GLU A 741 10.00 34.28 4.91
N GLU A 742 11.16 33.69 4.59
CA GLU A 742 11.59 33.58 3.20
C GLU A 742 10.51 32.90 2.36
N ALA A 743 10.08 31.71 2.79
CA ALA A 743 9.10 30.91 2.06
C ALA A 743 7.80 31.68 1.86
N LEU A 744 7.34 32.39 2.91
CA LEU A 744 6.09 33.13 2.80
C LEU A 744 6.22 34.24 1.77
N GLU A 745 7.41 34.88 1.71
CA GLU A 745 7.58 36.02 0.81
C GLU A 745 7.44 35.61 -0.65
N LYS A 746 7.92 34.41 -0.98
CA LYS A 746 8.07 33.97 -2.36
C LYS A 746 6.86 33.21 -2.89
N ILE A 747 5.75 33.21 -2.15
CA ILE A 747 4.59 32.42 -2.53
C ILE A 747 3.89 33.04 -3.75
N GLY A 748 3.54 32.19 -4.71
CA GLY A 748 2.74 32.64 -5.84
C GLY A 748 3.42 33.68 -6.70
N SER A 749 4.75 33.66 -6.77
CA SER A 749 5.52 34.72 -7.41
C SER A 749 6.02 34.36 -8.82
N GLY A 750 5.48 33.32 -9.44
CA GLY A 750 6.14 32.84 -10.64
C GLY A 750 5.48 33.08 -11.98
N SER A 751 4.49 33.97 -12.06
CA SER A 751 3.72 34.04 -13.31
C SER A 751 4.56 34.66 -14.43
N THR A 752 4.17 34.35 -15.66
CA THR A 752 4.90 34.83 -16.83
C THR A 752 4.01 35.50 -17.87
N PHE A 753 2.73 35.17 -17.95
CA PHE A 753 1.88 35.57 -19.09
C PHE A 753 1.14 36.86 -18.77
N LYS A 754 1.47 37.93 -19.49
CA LYS A 754 0.85 39.25 -19.31
C LYS A 754 0.79 39.64 -17.82
N CYS A 755 1.93 39.54 -17.13
CA CYS A 755 1.95 39.85 -15.70
C CYS A 755 1.82 41.34 -15.47
N ALA A 756 1.02 41.69 -14.48
CA ALA A 756 0.98 43.06 -13.98
C ALA A 756 1.70 43.15 -12.65
N VAL A 757 2.34 44.30 -12.39
CA VAL A 757 2.87 44.61 -11.07
C VAL A 757 2.43 46.03 -10.67
N LYS A 758 2.45 46.26 -9.37
CA LYS A 758 2.03 47.53 -8.79
C LYS A 758 3.25 48.23 -8.20
N ALA A 759 3.54 49.43 -8.70
CA ALA A 759 4.61 50.26 -8.18
C ALA A 759 4.37 50.58 -6.72
N LEU A 760 5.37 50.34 -5.87
CA LEU A 760 5.30 50.72 -4.45
C LEU A 760 5.77 52.14 -4.20
N PHE A 761 6.60 52.70 -5.08
CA PHE A 761 7.12 54.05 -4.97
C PHE A 761 7.13 54.68 -6.35
N ASP A 762 7.34 56.00 -6.37
CA ASP A 762 7.66 56.73 -7.57
C ASP A 762 9.03 56.33 -8.08
N TYR A 763 9.20 56.35 -9.40
CA TYR A 763 10.50 56.09 -9.99
C TYR A 763 10.68 56.94 -11.24
N LYS A 764 11.76 57.73 -11.26
CA LYS A 764 12.14 58.52 -12.41
C LYS A 764 13.25 57.78 -13.16
N ALA A 765 13.01 57.54 -14.45
CA ALA A 765 14.00 56.86 -15.30
C ALA A 765 15.36 57.53 -15.20
N GLN A 766 16.37 56.74 -14.86
CA GLN A 766 17.75 57.18 -14.77
C GLN A 766 18.54 56.90 -16.06
N ARG A 767 17.95 56.18 -17.01
CA ARG A 767 18.52 55.96 -18.34
C ARG A 767 17.39 55.92 -19.36
N GLU A 768 17.77 56.03 -20.62
CA GLU A 768 16.75 56.11 -21.67
C GLU A 768 16.02 54.79 -21.86
N ASP A 769 16.53 53.68 -21.31
CA ASP A 769 15.83 52.40 -21.44
C ASP A 769 15.03 52.05 -20.18
N GLU A 770 14.82 53.01 -19.29
CA GLU A 770 14.10 52.76 -18.05
C GLU A 770 12.73 53.39 -18.09
N LEU A 771 11.82 52.76 -17.38
CA LEU A 771 10.45 53.22 -17.24
C LEU A 771 10.37 54.32 -16.20
N THR A 772 9.42 55.23 -16.40
CA THR A 772 9.07 56.22 -15.39
C THR A 772 7.66 55.91 -14.90
N PHE A 773 7.42 55.99 -13.59
CA PHE A 773 6.10 55.69 -13.08
C PHE A 773 5.91 56.25 -11.67
N THR A 774 4.65 56.32 -11.24
CA THR A 774 4.29 56.80 -9.92
C THR A 774 3.80 55.66 -9.03
N LYS A 775 3.90 55.90 -7.72
CA LYS A 775 3.32 55.01 -6.72
C LYS A 775 1.92 54.57 -7.11
N SER A 776 1.65 53.27 -6.97
CA SER A 776 0.35 52.64 -7.19
C SER A 776 0.10 52.36 -8.68
N ALA A 777 1.00 52.76 -9.57
CA ALA A 777 0.83 52.46 -10.99
C ALA A 777 0.89 50.96 -11.25
N ILE A 778 0.03 50.49 -12.14
CA ILE A 778 0.05 49.10 -12.57
C ILE A 778 0.88 49.05 -13.85
N ILE A 779 2.04 48.45 -13.76
CA ILE A 779 2.90 48.18 -14.90
C ILE A 779 2.49 46.82 -15.49
N GLN A 780 2.41 46.74 -16.82
CA GLN A 780 1.76 45.64 -17.54
C GLN A 780 2.76 44.86 -18.38
N ASN A 781 2.42 43.59 -18.67
CA ASN A 781 3.21 42.71 -19.56
C ASN A 781 4.64 42.52 -19.06
N VAL A 782 4.78 42.25 -17.76
CA VAL A 782 6.08 42.40 -17.11
C VAL A 782 6.93 41.16 -17.37
N GLU A 783 8.14 41.39 -17.84
CA GLU A 783 9.11 40.34 -18.05
C GLU A 783 10.02 40.32 -16.83
N LYS A 784 10.03 39.20 -16.13
CA LYS A 784 10.71 39.09 -14.84
C LYS A 784 12.04 38.37 -15.03
N GLN A 785 13.10 38.92 -14.46
CA GLN A 785 14.41 38.31 -14.48
C GLN A 785 15.12 38.60 -13.17
N ASP A 786 16.04 37.71 -12.79
CA ASP A 786 16.93 37.97 -11.68
C ASP A 786 17.93 39.05 -12.05
N GLY A 787 18.59 39.62 -11.04
CA GLY A 787 19.56 40.68 -11.25
C GLY A 787 19.04 42.08 -10.92
N GLY A 788 17.79 42.20 -10.53
CA GLY A 788 17.27 43.42 -9.95
C GLY A 788 16.47 44.28 -10.90
N TRP A 789 16.26 43.82 -12.13
CA TRP A 789 15.66 44.68 -13.13
C TRP A 789 14.65 43.90 -13.95
N TRP A 790 13.43 44.41 -13.99
CA TRP A 790 12.34 43.84 -14.76
C TRP A 790 11.94 44.81 -15.87
N ARG A 791 11.10 44.33 -16.78
CA ARG A 791 10.75 45.07 -17.98
C ARG A 791 9.23 45.08 -18.13
N GLY A 792 8.68 46.23 -18.54
CA GLY A 792 7.23 46.35 -18.58
C GLY A 792 6.76 47.56 -19.35
N ASP A 793 5.44 47.67 -19.48
CA ASP A 793 4.80 48.78 -20.18
C ASP A 793 4.11 49.69 -19.18
N TYR A 794 4.30 50.99 -19.36
CA TYR A 794 3.51 51.93 -18.60
C TYR A 794 3.56 53.29 -19.27
N GLY A 795 2.43 54.01 -19.24
CA GLY A 795 2.45 55.40 -19.63
C GLY A 795 2.70 55.64 -21.10
N GLY A 796 2.52 54.63 -21.94
CA GLY A 796 2.76 54.72 -23.35
C GLY A 796 4.04 54.06 -23.79
N LYS A 797 4.98 53.87 -22.87
CA LYS A 797 6.26 53.26 -23.23
C LYS A 797 6.16 51.75 -23.05
N LYS A 798 6.90 51.04 -23.87
CA LYS A 798 6.74 49.61 -24.04
C LYS A 798 8.04 48.93 -23.65
N GLN A 799 7.97 48.04 -22.67
CA GLN A 799 9.06 47.13 -22.39
C GLN A 799 10.33 47.89 -22.01
N LEU A 800 10.19 48.81 -21.07
CA LEU A 800 11.37 49.48 -20.51
C LEU A 800 11.62 48.93 -19.11
N TRP A 801 12.84 49.17 -18.63
CA TRP A 801 13.36 48.48 -17.45
C TRP A 801 13.07 49.28 -16.17
N PHE A 802 12.82 48.57 -15.08
CA PHE A 802 12.62 49.25 -13.81
C PHE A 802 13.19 48.39 -12.70
N PRO A 803 13.46 48.97 -11.53
CA PRO A 803 14.04 48.19 -10.44
C PRO A 803 13.05 47.18 -9.90
N SER A 804 13.55 45.96 -9.71
CA SER A 804 12.72 44.83 -9.33
C SER A 804 12.06 45.03 -7.97
N ASN A 805 12.76 45.66 -7.03
CA ASN A 805 12.20 45.78 -5.70
C ASN A 805 11.40 47.07 -5.52
N TYR A 806 11.07 47.77 -6.59
CA TYR A 806 10.19 48.93 -6.52
C TYR A 806 8.74 48.56 -6.75
N VAL A 807 8.43 47.26 -6.88
CA VAL A 807 7.08 46.81 -7.23
C VAL A 807 6.75 45.55 -6.43
N GLU A 808 5.45 45.32 -6.26
CA GLU A 808 4.94 44.02 -5.83
C GLU A 808 4.19 43.38 -6.99
N GLU A 809 4.39 42.08 -7.18
CA GLU A 809 3.66 41.34 -8.19
C GLU A 809 2.20 41.18 -7.77
N MET A 810 1.27 41.58 -8.64
CA MET A 810 -0.14 41.30 -8.40
C MET A 810 -0.36 39.80 -8.25
N ILE A 811 -1.47 39.45 -7.63
CA ILE A 811 -1.75 38.06 -7.28
C ILE A 811 -2.28 37.31 -8.50
N ASN A 812 -1.78 36.10 -8.72
CA ASN A 812 -2.35 35.22 -9.73
C ASN A 812 -3.39 34.34 -9.07
N PRO A 813 -4.69 34.57 -9.27
CA PRO A 813 -5.70 33.76 -8.56
C PRO A 813 -5.63 32.29 -8.87
N ALA A 814 -4.95 31.90 -9.95
CA ALA A 814 -4.86 30.47 -10.26
C ALA A 814 -4.01 29.72 -9.24
N ILE A 815 -3.14 30.40 -8.48
CA ILE A 815 -2.38 29.70 -7.45
C ILE A 815 -3.26 29.22 -6.28
N LEU A 816 -4.48 29.74 -6.14
CA LEU A 816 -5.33 29.39 -5.00
C LEU A 816 -6.07 28.07 -5.24
N GLU A 817 -6.37 27.37 -4.16
CA GLU A 817 -7.08 26.11 -4.26
C GLU A 817 -8.43 26.32 -4.94
N PRO A 818 -8.79 25.51 -5.93
CA PRO A 818 -10.12 25.60 -6.51
C PRO A 818 -11.19 25.14 -5.52
N GLU A 819 -12.36 25.77 -5.60
CA GLU A 819 -13.50 25.37 -4.79
C GLU A 819 -13.97 24.00 -5.23
N ARG A 820 -13.82 23.01 -4.36
CA ARG A 820 -13.99 21.62 -4.76
C ARG A 820 -15.31 21.03 -4.30
N GLU A 821 -16.19 21.86 -3.73
CA GLU A 821 -17.39 21.32 -3.09
C GLU A 821 -18.48 21.06 -4.12
N HIS A 822 -18.64 21.94 -5.12
CA HIS A 822 -19.59 21.70 -6.20
C HIS A 822 -18.94 21.12 -7.46
N LEU A 823 -17.75 20.49 -7.37
CA LEU A 823 -17.07 19.94 -8.54
C LEU A 823 -17.67 18.58 -8.92
N ASP A 824 -17.78 18.37 -10.22
CA ASP A 824 -18.38 17.16 -10.78
C ASP A 824 -17.76 15.90 -10.15
N GLU A 825 -18.63 15.08 -9.57
CA GLU A 825 -18.25 13.81 -8.98
C GLU A 825 -17.91 12.75 -10.02
N ASN A 826 -18.33 12.93 -11.26
CA ASN A 826 -18.22 11.94 -12.35
C ASN A 826 -17.62 12.55 -13.59
N SER A 827 -16.55 13.32 -13.41
CA SER A 827 -15.70 13.74 -14.50
C SER A 827 -14.87 12.55 -14.96
N PRO A 828 -14.20 12.67 -16.09
CA PRO A 828 -13.29 11.59 -16.52
C PRO A 828 -12.30 11.20 -15.45
N LEU A 829 -12.08 12.05 -14.44
CA LEU A 829 -11.07 11.76 -13.45
C LEU A 829 -11.63 11.19 -12.15
N GLY A 830 -12.95 11.17 -11.98
CA GLY A 830 -13.51 10.64 -10.75
C GLY A 830 -12.96 11.33 -9.52
N ASP A 831 -12.64 10.53 -8.50
CA ASP A 831 -12.25 11.11 -7.23
C ASP A 831 -10.88 11.79 -7.28
N LEU A 832 -10.15 11.66 -8.38
CA LEU A 832 -8.87 12.35 -8.53
C LEU A 832 -9.02 13.78 -9.02
N LEU A 833 -10.22 14.23 -9.35
CA LEU A 833 -10.40 15.56 -9.90
C LEU A 833 -9.92 16.65 -8.92
N ARG A 834 -9.19 17.65 -9.44
CA ARG A 834 -8.81 18.84 -8.69
C ARG A 834 -9.43 20.11 -9.25
N GLY A 835 -9.43 20.26 -10.58
CA GLY A 835 -9.95 21.48 -11.18
C GLY A 835 -10.49 21.24 -12.58
N VAL A 836 -11.45 22.10 -12.94
CA VAL A 836 -12.11 22.13 -14.24
C VAL A 836 -11.89 23.50 -14.86
N LEU A 837 -11.57 23.51 -16.15
CA LEU A 837 -11.45 24.75 -16.94
C LEU A 837 -12.42 24.69 -18.08
N ASP A 838 -13.13 25.79 -18.29
CA ASP A 838 -14.08 25.91 -19.39
C ASP A 838 -13.30 26.43 -20.58
N VAL A 839 -13.06 25.55 -21.57
CA VAL A 839 -12.12 25.85 -22.64
C VAL A 839 -12.53 27.08 -23.44
N PRO A 840 -13.79 27.26 -23.84
CA PRO A 840 -14.14 28.47 -24.61
C PRO A 840 -13.86 29.78 -23.87
N ALA A 841 -13.69 29.74 -22.55
CA ALA A 841 -13.35 30.94 -21.79
C ALA A 841 -11.86 31.06 -21.57
N CYS A 842 -11.08 30.14 -22.16
CA CYS A 842 -9.63 30.15 -22.05
C CYS A 842 -8.98 30.53 -23.37
N GLN A 843 -7.76 31.03 -23.23
CA GLN A 843 -6.85 31.36 -24.31
C GLN A 843 -5.54 30.64 -24.01
N ILE A 844 -4.78 30.30 -25.04
CA ILE A 844 -3.57 29.50 -24.87
C ILE A 844 -2.44 30.09 -25.71
N ALA A 845 -1.23 30.04 -25.16
CA ALA A 845 -0.06 30.59 -25.85
C ALA A 845 1.17 29.80 -25.46
N ILE A 846 1.94 29.39 -26.46
CA ILE A 846 3.20 28.71 -26.20
C ILE A 846 4.23 29.73 -25.75
N ARG A 847 5.01 29.37 -24.73
CA ARG A 847 6.18 30.15 -24.34
C ARG A 847 7.39 29.56 -25.05
N PRO A 848 7.97 30.24 -26.04
CA PRO A 848 9.03 29.61 -26.85
C PRO A 848 10.28 29.25 -26.05
N GLU A 849 10.56 29.96 -24.97
CA GLU A 849 11.78 29.73 -24.20
C GLU A 849 11.55 28.87 -22.96
N GLY A 850 10.35 28.32 -22.77
CA GLY A 850 10.03 27.55 -21.58
C GLY A 850 10.12 28.41 -20.32
N LYS A 851 10.23 27.72 -19.19
CA LYS A 851 10.50 28.39 -17.91
C LYS A 851 10.94 27.35 -16.89
N ASN A 852 11.78 27.80 -15.94
CA ASN A 852 12.14 27.03 -14.74
C ASN A 852 12.61 25.61 -15.09
N ASN A 853 13.56 25.55 -16.03
CA ASN A 853 14.20 24.30 -16.47
C ASN A 853 13.22 23.35 -17.18
N ARG A 854 12.13 23.88 -17.71
CA ARG A 854 11.21 23.12 -18.54
C ARG A 854 11.24 23.73 -19.92
N LEU A 855 11.57 22.93 -20.93
CA LEU A 855 11.73 23.47 -22.26
C LEU A 855 10.40 23.67 -22.96
N PHE A 856 9.39 22.90 -22.61
CA PHE A 856 8.16 22.88 -23.40
C PHE A 856 6.97 23.32 -22.54
N VAL A 857 6.61 24.60 -22.63
CA VAL A 857 5.62 25.18 -21.73
C VAL A 857 4.59 25.97 -22.54
N PHE A 858 3.31 25.78 -22.24
CA PHE A 858 2.30 26.71 -22.71
C PHE A 858 1.59 27.35 -21.52
N SER A 859 0.97 28.50 -21.76
CA SER A 859 0.24 29.25 -20.74
C SER A 859 -1.24 29.28 -21.07
N ILE A 860 -2.07 28.82 -20.12
CA ILE A 860 -3.51 28.97 -20.20
C ILE A 860 -3.88 30.25 -19.44
N SER A 861 -4.72 31.10 -20.06
CA SER A 861 -5.24 32.31 -19.44
C SER A 861 -6.74 32.37 -19.68
N MET A 862 -7.37 33.36 -19.07
CA MET A 862 -8.78 33.62 -19.30
C MET A 862 -8.98 35.12 -19.46
N PRO A 863 -9.39 35.56 -20.65
CA PRO A 863 -9.48 37.01 -20.89
C PRO A 863 -10.32 37.77 -19.87
N SER A 864 -11.38 37.16 -19.32
CA SER A 864 -12.29 37.85 -18.43
C SER A 864 -11.84 37.80 -16.98
N VAL A 865 -10.71 37.16 -16.68
CA VAL A 865 -10.15 37.13 -15.33
C VAL A 865 -8.70 37.61 -15.44
N ALA A 866 -8.50 38.92 -15.29
CA ALA A 866 -7.19 39.51 -15.41
C ALA A 866 -6.23 38.83 -14.45
N GLN A 867 -5.00 38.62 -14.92
CA GLN A 867 -3.89 38.03 -14.17
C GLN A 867 -4.07 36.55 -13.83
N TRP A 868 -5.20 35.93 -14.19
CA TRP A 868 -5.34 34.49 -14.02
C TRP A 868 -4.50 33.80 -15.08
N SER A 869 -3.55 32.96 -14.68
CA SER A 869 -2.79 32.22 -15.69
C SER A 869 -2.16 30.97 -15.07
N LEU A 870 -2.17 29.89 -15.84
N LEU A 870 -2.09 29.92 -15.88
CA LEU A 870 -1.48 28.67 -15.47
CA LEU A 870 -1.48 28.67 -15.45
C LEU A 870 -0.42 28.34 -16.51
C LEU A 870 -0.43 28.28 -16.49
N ASP A 871 0.82 28.14 -16.07
CA ASP A 871 1.89 27.69 -16.95
C ASP A 871 1.97 26.16 -16.88
N VAL A 872 2.03 25.52 -18.05
CA VAL A 872 1.87 24.07 -18.14
C VAL A 872 2.97 23.52 -19.04
N ALA A 873 3.73 22.56 -18.51
CA ALA A 873 4.85 21.97 -19.22
C ALA A 873 4.48 20.57 -19.71
N ALA A 874 4.94 20.24 -20.91
CA ALA A 874 4.84 18.90 -21.45
C ALA A 874 6.23 18.28 -21.54
N ASP A 875 6.28 16.95 -21.67
CA ASP A 875 7.54 16.22 -21.74
C ASP A 875 8.21 16.32 -23.11
N SER A 876 7.52 16.83 -24.13
CA SER A 876 8.11 16.87 -25.46
C SER A 876 7.51 18.02 -26.24
N GLN A 877 8.29 18.53 -27.20
CA GLN A 877 7.79 19.57 -28.10
C GLN A 877 6.58 19.06 -28.88
N GLU A 878 6.62 17.81 -29.32
CA GLU A 878 5.49 17.23 -30.03
C GLU A 878 4.26 17.15 -29.13
N GLU A 879 4.43 16.74 -27.87
CA GLU A 879 3.31 16.73 -26.95
C GLU A 879 2.75 18.15 -26.77
N LEU A 880 3.65 19.12 -26.57
CA LEU A 880 3.24 20.51 -26.44
C LEU A 880 2.39 20.96 -27.62
N GLN A 881 2.85 20.67 -28.84
CA GLN A 881 2.13 21.10 -30.04
C GLN A 881 0.76 20.45 -30.12
N ASP A 882 0.69 19.16 -29.80
CA ASP A 882 -0.59 18.46 -29.82
C ASP A 882 -1.59 19.07 -28.82
N TRP A 883 -1.13 19.35 -27.59
CA TRP A 883 -2.04 19.90 -26.60
C TRP A 883 -2.55 21.29 -27.03
N VAL A 884 -1.65 22.15 -27.50
CA VAL A 884 -2.03 23.50 -27.90
C VAL A 884 -3.03 23.48 -29.04
N LYS A 885 -2.76 22.66 -30.09
CA LYS A 885 -3.66 22.68 -31.25
C LYS A 885 -5.03 22.14 -30.87
N LYS A 886 -5.10 21.11 -30.04
CA LYS A 886 -6.40 20.55 -29.73
C LYS A 886 -7.19 21.42 -28.74
N ILE A 887 -6.50 22.04 -27.76
CA ILE A 887 -7.21 22.93 -26.84
C ILE A 887 -7.83 24.07 -27.63
N ARG A 888 -7.01 24.73 -28.45
CA ARG A 888 -7.47 25.85 -29.27
C ARG A 888 -8.60 25.42 -30.21
N GLU A 889 -8.53 24.21 -30.77
CA GLU A 889 -9.63 23.71 -31.60
C GLU A 889 -10.90 23.49 -30.79
N VAL A 890 -10.79 22.87 -29.61
CA VAL A 890 -11.96 22.74 -28.73
C VAL A 890 -12.61 24.11 -28.47
N ALA A 891 -11.78 25.14 -28.26
CA ALA A 891 -12.31 26.50 -28.03
C ALA A 891 -13.07 27.04 -29.23
N GLN A 892 -12.52 26.90 -30.44
CA GLN A 892 -13.16 27.39 -31.66
C GLN A 892 -14.45 26.63 -32.02
N THR A 893 -14.78 25.56 -31.30
CA THR A 893 -16.03 24.85 -31.51
C THR A 893 -17.16 25.50 -30.70
N ALA A 894 -18.37 25.46 -31.27
CA ALA A 894 -19.59 25.93 -30.63
C ALA A 894 -20.80 25.20 -31.21
N ASP A 895 -20.77 23.86 -31.17
CA ASP A 895 -21.85 23.02 -31.70
C ASP A 895 -22.58 22.33 -30.56
N LYS A 908 -17.34 -2.10 -37.06
CA LYS A 908 -16.26 -2.96 -36.59
C LYS A 908 -16.25 -4.35 -37.21
N LYS A 909 -15.29 -4.58 -38.12
CA LYS A 909 -15.14 -5.86 -38.80
C LYS A 909 -14.37 -6.84 -37.92
N ILE A 910 -14.77 -8.12 -37.99
CA ILE A 910 -14.25 -9.18 -37.13
C ILE A 910 -13.75 -10.31 -38.00
N ALA A 911 -12.55 -10.79 -37.71
CA ALA A 911 -12.00 -11.93 -38.43
C ALA A 911 -12.81 -13.18 -38.13
N LEU A 912 -13.28 -13.86 -39.19
CA LEU A 912 -14.01 -15.11 -39.00
C LEU A 912 -13.20 -16.09 -38.15
N GLU A 913 -11.88 -16.13 -38.36
CA GLU A 913 -11.05 -17.07 -37.62
C GLU A 913 -11.15 -16.84 -36.11
N LEU A 914 -11.25 -15.57 -35.69
CA LEU A 914 -11.44 -15.28 -34.27
C LEU A 914 -12.89 -15.49 -33.85
N SER A 915 -13.82 -15.03 -34.68
CA SER A 915 -15.24 -15.20 -34.40
C SER A 915 -15.61 -16.66 -34.17
N GLU A 916 -14.97 -17.58 -34.91
N GLU A 916 -14.95 -17.57 -34.90
CA GLU A 916 -15.28 -19.00 -34.80
CA GLU A 916 -15.23 -18.99 -34.81
C GLU A 916 -14.92 -19.59 -33.45
C GLU A 916 -14.96 -19.56 -33.43
N LEU A 917 -14.05 -18.94 -32.67
CA LEU A 917 -13.65 -19.44 -31.36
C LEU A 917 -14.64 -19.07 -30.27
N VAL A 918 -15.72 -18.38 -30.60
CA VAL A 918 -16.69 -17.90 -29.63
C VAL A 918 -17.85 -18.86 -29.64
N VAL A 919 -17.96 -19.67 -28.60
CA VAL A 919 -18.98 -20.72 -28.51
C VAL A 919 -20.07 -20.25 -27.56
N TYR A 920 -19.70 -19.96 -26.34
CA TYR A 920 -20.61 -19.33 -25.40
C TYR A 920 -20.13 -17.90 -25.14
N CYS A 921 -20.76 -17.21 -24.19
CA CYS A 921 -20.34 -15.85 -23.85
C CYS A 921 -20.34 -14.94 -25.07
N ARG A 922 -21.37 -15.07 -25.90
CA ARG A 922 -21.49 -14.24 -27.11
C ARG A 922 -22.12 -12.89 -26.78
N PRO A 923 -21.40 -11.78 -26.91
CA PRO A 923 -21.95 -10.49 -26.48
C PRO A 923 -23.04 -10.02 -27.43
N VAL A 924 -24.20 -9.73 -26.85
CA VAL A 924 -25.31 -9.13 -27.58
C VAL A 924 -25.78 -7.92 -26.78
N PRO A 925 -26.40 -6.95 -27.45
CA PRO A 925 -27.05 -5.87 -26.71
C PRO A 925 -28.18 -6.42 -25.87
N PHE A 926 -28.33 -5.86 -24.68
CA PHE A 926 -29.26 -6.38 -23.71
C PHE A 926 -30.69 -6.10 -24.15
N ASP A 927 -31.51 -7.14 -24.19
CA ASP A 927 -32.89 -7.06 -24.64
C ASP A 927 -33.75 -7.53 -23.47
N GLU A 928 -34.16 -6.58 -22.64
CA GLU A 928 -34.98 -6.88 -21.47
C GLU A 928 -36.25 -7.63 -21.85
N GLU A 929 -36.77 -7.41 -23.07
CA GLU A 929 -38.02 -8.04 -23.46
C GLU A 929 -37.87 -9.53 -23.81
N LYS A 930 -36.66 -9.99 -24.08
CA LYS A 930 -36.45 -11.42 -24.30
C LYS A 930 -36.42 -12.23 -23.01
N ILE A 931 -36.39 -11.58 -21.85
CA ILE A 931 -36.23 -12.31 -20.60
C ILE A 931 -37.48 -13.14 -20.33
N GLY A 932 -37.29 -14.44 -20.11
CA GLY A 932 -38.41 -15.30 -19.82
C GLY A 932 -39.13 -15.89 -21.03
N THR A 933 -38.74 -15.51 -22.24
CA THR A 933 -39.37 -15.95 -23.47
C THR A 933 -38.50 -16.98 -24.18
N GLU A 934 -39.09 -17.62 -25.21
CA GLU A 934 -38.35 -18.53 -26.08
C GLU A 934 -37.25 -17.82 -26.84
N ARG A 935 -37.28 -16.49 -26.91
CA ARG A 935 -36.28 -15.72 -27.65
C ARG A 935 -34.96 -15.57 -26.89
N ALA A 936 -34.90 -15.92 -25.61
CA ALA A 936 -33.65 -15.83 -24.85
C ALA A 936 -32.74 -16.99 -25.25
N CYS A 937 -31.51 -16.69 -25.61
CA CYS A 937 -30.54 -17.70 -26.02
C CYS A 937 -29.47 -17.85 -24.93
N TYR A 938 -29.40 -19.04 -24.34
CA TYR A 938 -28.47 -19.26 -23.23
C TYR A 938 -27.01 -18.99 -23.60
N ARG A 939 -26.67 -18.94 -24.90
CA ARG A 939 -25.29 -18.69 -25.29
C ARG A 939 -24.97 -17.21 -25.38
N ASP A 940 -25.98 -16.34 -25.45
CA ASP A 940 -25.80 -14.91 -25.54
C ASP A 940 -25.61 -14.31 -24.15
N MET A 941 -24.75 -13.30 -24.06
CA MET A 941 -24.55 -12.56 -22.83
C MET A 941 -24.51 -11.06 -23.13
N SER A 942 -24.56 -10.28 -22.05
CA SER A 942 -24.55 -8.83 -22.09
C SER A 942 -23.69 -8.29 -20.94
N SER A 943 -23.01 -7.18 -21.20
CA SER A 943 -22.14 -6.55 -20.23
C SER A 943 -22.76 -5.25 -19.75
N PHE A 944 -22.49 -4.90 -18.50
CA PHE A 944 -23.13 -3.77 -17.83
C PHE A 944 -22.07 -2.90 -17.15
N PRO A 945 -21.81 -1.70 -17.63
CA PRO A 945 -21.03 -0.77 -16.84
C PRO A 945 -21.80 -0.45 -15.57
N GLU A 946 -21.03 -0.30 -14.48
CA GLU A 946 -21.57 -0.10 -13.14
C GLU A 946 -22.85 0.73 -13.13
N THR A 947 -22.81 1.91 -13.74
CA THR A 947 -23.96 2.81 -13.67
C THR A 947 -25.18 2.24 -14.41
N LYS A 948 -24.97 1.51 -15.52
CA LYS A 948 -26.10 0.85 -16.17
C LYS A 948 -26.61 -0.30 -15.32
N ALA A 949 -25.71 -1.07 -14.73
CA ALA A 949 -26.13 -2.20 -13.90
C ALA A 949 -26.98 -1.74 -12.73
N GLU A 950 -26.66 -0.59 -12.14
CA GLU A 950 -27.44 -0.08 -11.01
C GLU A 950 -28.90 0.09 -11.40
N LYS A 951 -29.16 0.49 -12.65
CA LYS A 951 -30.54 0.57 -13.15
C LYS A 951 -31.26 -0.77 -13.11
N TYR A 952 -30.55 -1.90 -13.04
CA TYR A 952 -31.20 -3.19 -13.03
C TYR A 952 -31.11 -3.92 -11.69
N VAL A 953 -30.30 -3.44 -10.74
CA VAL A 953 -30.22 -4.20 -9.49
C VAL A 953 -30.91 -3.45 -8.34
N ASN A 954 -31.98 -2.73 -8.65
CA ASN A 954 -32.78 -2.06 -7.63
C ASN A 954 -34.10 -2.79 -7.41
N LYS A 955 -34.96 -2.20 -6.58
CA LYS A 955 -36.23 -2.82 -6.21
C LYS A 955 -37.14 -3.02 -7.42
N ALA A 956 -37.09 -2.10 -8.39
CA ALA A 956 -38.00 -2.19 -9.52
C ALA A 956 -37.61 -3.34 -10.45
N LYS A 957 -36.37 -3.34 -10.96
CA LYS A 957 -35.93 -4.27 -11.99
C LYS A 957 -35.19 -5.50 -11.47
N GLY A 958 -34.91 -5.59 -10.16
CA GLY A 958 -34.01 -6.61 -9.66
C GLY A 958 -34.50 -8.03 -9.90
N LYS A 959 -35.79 -8.25 -9.72
CA LYS A 959 -36.34 -9.59 -9.87
C LYS A 959 -36.26 -10.04 -11.33
N LYS A 960 -36.48 -9.12 -12.27
CA LYS A 960 -36.35 -9.49 -13.68
C LYS A 960 -34.89 -9.68 -14.09
N PHE A 961 -33.97 -8.95 -13.45
CA PHE A 961 -32.55 -9.25 -13.67
C PHE A 961 -32.20 -10.64 -13.13
N LEU A 962 -32.80 -11.03 -12.00
CA LEU A 962 -32.63 -12.37 -11.47
C LEU A 962 -33.13 -13.42 -12.47
N GLN A 963 -34.28 -13.15 -13.08
CA GLN A 963 -34.83 -14.06 -14.08
C GLN A 963 -33.90 -14.19 -15.27
N TYR A 964 -33.38 -13.05 -15.76
CA TYR A 964 -32.41 -13.11 -16.86
C TYR A 964 -31.20 -13.96 -16.46
N ASN A 965 -30.64 -13.72 -15.27
CA ASN A 965 -29.38 -14.37 -14.91
C ASN A 965 -29.52 -15.86 -14.67
N ARG A 966 -30.72 -16.37 -14.42
CA ARG A 966 -30.82 -17.80 -14.26
C ARG A 966 -30.53 -18.54 -15.56
N LEU A 967 -30.68 -17.87 -16.70
CA LEU A 967 -30.44 -18.50 -18.00
C LEU A 967 -29.16 -18.01 -18.67
N GLN A 968 -28.83 -16.73 -18.52
CA GLN A 968 -27.76 -16.08 -19.26
C GLN A 968 -26.79 -15.37 -18.32
N LEU A 969 -25.55 -15.25 -18.78
CA LEU A 969 -24.50 -14.57 -18.03
C LEU A 969 -24.65 -13.06 -18.17
N SER A 970 -24.36 -12.34 -17.08
CA SER A 970 -24.16 -10.91 -17.15
C SER A 970 -22.76 -10.61 -16.64
N ARG A 971 -22.10 -9.65 -17.28
CA ARG A 971 -20.81 -9.17 -16.80
C ARG A 971 -20.96 -7.72 -16.33
N ILE A 972 -20.50 -7.46 -15.12
CA ILE A 972 -20.48 -6.12 -14.55
C ILE A 972 -19.03 -5.67 -14.46
N TYR A 973 -18.78 -4.41 -14.79
CA TYR A 973 -17.43 -3.90 -14.66
C TYR A 973 -17.50 -2.45 -14.15
N PRO A 974 -16.41 -1.95 -13.57
CA PRO A 974 -16.42 -0.60 -12.97
C PRO A 974 -16.59 0.49 -14.01
N LYS A 975 -17.23 1.59 -13.59
CA LYS A 975 -17.45 2.72 -14.48
C LYS A 975 -16.12 3.33 -14.94
N GLY A 976 -16.14 3.92 -16.15
CA GLY A 976 -14.93 4.51 -16.72
C GLY A 976 -14.26 5.55 -15.84
N GLN A 977 -15.02 6.20 -14.95
CA GLN A 977 -14.53 7.34 -14.18
C GLN A 977 -13.67 6.93 -13.00
N ARG A 978 -13.68 5.66 -12.63
CA ARG A 978 -12.85 5.13 -11.55
C ARG A 978 -11.39 5.00 -11.98
N LEU A 979 -10.85 6.11 -12.48
CA LEU A 979 -9.47 6.10 -12.95
C LEU A 979 -8.50 5.64 -11.88
N ASP A 980 -8.87 5.78 -10.60
CA ASP A 980 -8.07 5.30 -9.47
C ASP A 980 -8.13 3.79 -9.26
N SER A 981 -8.88 3.06 -10.10
CA SER A 981 -9.07 1.62 -9.96
C SER A 981 -9.79 1.22 -8.66
N SER A 982 -10.48 2.16 -8.01
CA SER A 982 -11.40 1.79 -6.94
C SER A 982 -12.48 0.86 -7.48
N ASN A 983 -13.16 0.18 -6.57
CA ASN A 983 -14.14 -0.83 -6.91
C ASN A 983 -15.53 -0.43 -6.41
N TYR A 984 -16.56 -0.85 -7.13
CA TYR A 984 -17.93 -0.75 -6.67
C TYR A 984 -18.28 -1.93 -5.76
N ASP A 985 -19.33 -1.76 -4.97
CA ASP A 985 -19.91 -2.83 -4.14
C ASP A 985 -20.42 -3.99 -5.00
N PRO A 986 -19.83 -5.19 -4.90
CA PRO A 986 -20.33 -6.31 -5.70
C PRO A 986 -21.62 -6.93 -5.17
N LEU A 987 -21.98 -6.71 -3.89
CA LEU A 987 -23.10 -7.46 -3.32
C LEU A 987 -24.44 -7.19 -4.01
N PRO A 988 -24.79 -5.97 -4.41
CA PRO A 988 -26.08 -5.79 -5.09
C PRO A 988 -26.15 -6.45 -6.46
N MET A 989 -25.00 -6.72 -7.08
CA MET A 989 -24.94 -7.48 -8.34
C MET A 989 -25.09 -8.97 -8.09
N TRP A 990 -24.32 -9.49 -7.14
CA TRP A 990 -24.41 -10.90 -6.76
C TRP A 990 -25.83 -11.29 -6.33
N ILE A 991 -26.46 -10.47 -5.48
CA ILE A 991 -27.76 -10.86 -4.95
C ILE A 991 -28.84 -10.86 -6.03
N CYS A 992 -28.64 -10.17 -7.14
CA CYS A 992 -29.48 -10.33 -8.32
C CYS A 992 -28.93 -11.38 -9.30
N GLY A 993 -28.06 -12.28 -8.82
CA GLY A 993 -27.64 -13.41 -9.61
C GLY A 993 -26.68 -13.15 -10.74
N SER A 994 -26.12 -11.94 -10.85
CA SER A 994 -25.04 -11.68 -11.79
C SER A 994 -23.82 -12.55 -11.47
N GLN A 995 -23.22 -13.10 -12.53
CA GLN A 995 -22.16 -14.09 -12.38
C GLN A 995 -20.77 -13.52 -12.53
N LEU A 996 -20.58 -12.58 -13.46
CA LEU A 996 -19.27 -12.04 -13.79
C LEU A 996 -19.21 -10.60 -13.27
N VAL A 997 -18.99 -10.48 -11.97
CA VAL A 997 -18.98 -9.18 -11.30
C VAL A 997 -17.50 -8.79 -11.21
N ALA A 998 -17.05 -8.01 -12.20
CA ALA A 998 -15.62 -7.83 -12.43
C ALA A 998 -15.10 -6.68 -11.58
N LEU A 999 -14.06 -6.95 -10.82
CA LEU A 999 -13.44 -6.01 -9.91
C LEU A 999 -11.98 -5.82 -10.28
N ASN A 1000 -11.43 -4.66 -9.86
CA ASN A 1000 -10.00 -4.39 -9.97
C ASN A 1000 -9.29 -5.15 -8.83
N PHE A 1001 -8.76 -6.33 -9.17
CA PHE A 1001 -8.06 -7.21 -8.23
C PHE A 1001 -6.82 -6.57 -7.61
N GLN A 1002 -6.23 -5.55 -8.25
CA GLN A 1002 -5.06 -4.91 -7.69
C GLN A 1002 -5.37 -3.95 -6.54
N THR A 1003 -6.64 -3.72 -6.24
CA THR A 1003 -7.02 -2.69 -5.29
C THR A 1003 -7.44 -3.34 -3.99
N PRO A 1004 -6.84 -2.99 -2.86
CA PRO A 1004 -7.09 -3.62 -1.54
C PRO A 1004 -8.28 -2.97 -0.79
N ASP A 1005 -9.43 -2.78 -1.43
CA ASP A 1005 -10.57 -2.16 -0.79
C ASP A 1005 -11.60 -3.23 -0.39
N LYS A 1006 -12.71 -2.78 0.18
CA LYS A 1006 -13.71 -3.73 0.68
C LYS A 1006 -14.33 -4.63 -0.40
N PRO A 1007 -14.67 -4.16 -1.60
CA PRO A 1007 -15.20 -5.09 -2.62
C PRO A 1007 -14.31 -6.30 -2.87
N MET A 1008 -12.98 -6.13 -2.95
CA MET A 1008 -12.09 -7.26 -3.17
C MET A 1008 -11.98 -8.13 -1.94
N GLN A 1009 -12.16 -7.53 -0.76
CA GLN A 1009 -12.18 -8.35 0.45
C GLN A 1009 -13.45 -9.19 0.49
N MET A 1010 -14.59 -8.65 0.05
CA MET A 1010 -15.78 -9.48 -0.05
C MET A 1010 -15.60 -10.55 -1.14
N ASN A 1011 -14.94 -10.20 -2.25
CA ASN A 1011 -14.75 -11.17 -3.32
C ASN A 1011 -13.98 -12.38 -2.83
N GLN A 1012 -12.77 -12.14 -2.28
CA GLN A 1012 -12.01 -13.25 -1.75
C GLN A 1012 -12.74 -13.95 -0.63
N ALA A 1013 -13.62 -13.25 0.11
CA ALA A 1013 -14.39 -13.94 1.15
C ALA A 1013 -15.43 -14.88 0.55
N LEU A 1014 -16.22 -14.38 -0.40
CA LEU A 1014 -17.22 -15.21 -1.06
C LEU A 1014 -16.60 -16.50 -1.60
N PHE A 1015 -15.51 -16.37 -2.33
CA PHE A 1015 -14.90 -17.53 -2.95
C PHE A 1015 -14.04 -18.31 -1.98
N MET A 1016 -14.15 -18.03 -0.69
CA MET A 1016 -13.51 -18.88 0.31
C MET A 1016 -14.21 -20.22 0.38
N ALA A 1017 -15.52 -20.21 0.15
CA ALA A 1017 -16.31 -21.43 0.05
C ALA A 1017 -15.93 -22.12 -1.25
N GLY A 1018 -15.26 -23.26 -1.13
CA GLY A 1018 -14.70 -23.95 -2.27
C GLY A 1018 -13.20 -23.82 -2.39
N GLY A 1019 -12.57 -23.12 -1.44
CA GLY A 1019 -11.12 -23.01 -1.42
C GLY A 1019 -10.57 -22.20 -2.57
N HIS A 1020 -11.30 -21.17 -3.00
CA HIS A 1020 -10.93 -20.32 -4.14
C HIS A 1020 -10.85 -21.09 -5.46
N CYS A 1021 -11.78 -22.04 -5.66
CA CYS A 1021 -11.91 -22.64 -6.98
C CYS A 1021 -12.52 -21.66 -7.99
N GLY A 1022 -13.18 -20.59 -7.52
CA GLY A 1022 -13.64 -19.53 -8.41
C GLY A 1022 -15.09 -19.61 -8.84
N TYR A 1023 -15.82 -20.65 -8.43
CA TYR A 1023 -17.23 -20.86 -8.74
C TYR A 1023 -17.94 -21.17 -7.44
N VAL A 1024 -19.04 -20.48 -7.18
CA VAL A 1024 -19.84 -20.72 -5.99
C VAL A 1024 -21.28 -20.84 -6.45
N LEU A 1025 -21.92 -21.97 -6.13
CA LEU A 1025 -23.28 -22.20 -6.58
C LEU A 1025 -24.22 -21.23 -5.87
N GLN A 1026 -25.00 -20.47 -6.62
CA GLN A 1026 -25.95 -19.59 -5.99
C GLN A 1026 -27.03 -20.42 -5.31
N PRO A 1027 -27.44 -20.05 -4.09
CA PRO A 1027 -28.39 -20.88 -3.34
C PRO A 1027 -29.73 -21.03 -4.04
N SER A 1028 -30.37 -22.18 -3.78
CA SER A 1028 -31.65 -22.50 -4.43
C SER A 1028 -32.73 -21.47 -4.10
N THR A 1029 -32.75 -20.98 -2.86
CA THR A 1029 -33.81 -20.05 -2.47
C THR A 1029 -33.82 -18.83 -3.37
N MET A 1030 -32.68 -18.43 -3.91
CA MET A 1030 -32.64 -17.24 -4.75
C MET A 1030 -32.73 -17.55 -6.24
N ARG A 1031 -32.60 -18.82 -6.64
CA ARG A 1031 -33.01 -19.21 -7.97
C ARG A 1031 -34.44 -19.69 -7.96
N ASP A 1032 -35.20 -19.28 -6.93
CA ASP A 1032 -36.64 -19.37 -6.94
C ASP A 1032 -37.21 -18.10 -7.61
N GLU A 1033 -38.39 -18.26 -8.22
CA GLU A 1033 -39.01 -17.15 -8.95
C GLU A 1033 -39.70 -16.16 -8.04
N ALA A 1034 -39.92 -16.50 -6.78
CA ALA A 1034 -40.45 -15.52 -5.85
C ALA A 1034 -39.37 -14.68 -5.18
N PHE A 1035 -38.12 -15.14 -5.21
CA PHE A 1035 -37.06 -14.45 -4.47
C PHE A 1035 -36.91 -13.02 -4.97
N ASP A 1036 -36.91 -12.07 -4.04
CA ASP A 1036 -36.81 -10.65 -4.30
C ASP A 1036 -35.88 -10.07 -3.24
N PRO A 1037 -34.70 -9.58 -3.63
CA PRO A 1037 -33.72 -9.09 -2.64
C PRO A 1037 -34.15 -7.85 -1.92
N PHE A 1038 -35.24 -7.22 -2.33
CA PHE A 1038 -35.74 -6.02 -1.68
C PHE A 1038 -37.04 -6.28 -0.95
N ASP A 1039 -37.34 -7.55 -0.70
CA ASP A 1039 -38.62 -7.93 -0.10
C ASP A 1039 -38.38 -9.22 0.68
N LYS A 1040 -38.03 -9.09 1.97
CA LYS A 1040 -37.79 -10.27 2.80
C LYS A 1040 -39.03 -11.15 2.90
N SER A 1041 -40.21 -10.61 2.61
CA SER A 1041 -41.40 -11.46 2.55
C SER A 1041 -41.37 -12.47 1.41
N SER A 1042 -40.49 -12.27 0.43
CA SER A 1042 -40.32 -13.23 -0.65
C SER A 1042 -39.67 -14.53 -0.20
N LEU A 1043 -39.09 -14.56 1.00
CA LEU A 1043 -38.29 -15.71 1.41
C LEU A 1043 -39.15 -16.82 1.95
N ARG A 1044 -40.29 -16.45 2.55
CA ARG A 1044 -41.37 -17.35 2.99
C ARG A 1044 -41.20 -17.77 4.44
N GLY A 1045 -40.60 -18.93 4.67
CA GLY A 1045 -40.42 -19.32 6.07
C GLY A 1045 -39.01 -19.79 6.32
N LEU A 1046 -38.11 -19.66 5.31
CA LEU A 1046 -36.66 -19.79 5.48
C LEU A 1046 -36.24 -19.38 6.88
N GLU A 1047 -35.58 -20.30 7.58
CA GLU A 1047 -35.19 -20.03 8.95
C GLU A 1047 -34.14 -18.92 8.94
N PRO A 1048 -34.31 -17.89 9.74
CA PRO A 1048 -33.29 -16.87 9.89
C PRO A 1048 -32.25 -17.34 10.88
N CYS A 1049 -31.26 -16.48 11.05
CA CYS A 1049 -30.07 -16.78 11.81
C CYS A 1049 -29.86 -15.60 12.76
N VAL A 1050 -29.63 -15.87 14.04
CA VAL A 1050 -29.36 -14.82 15.04
C VAL A 1050 -27.96 -15.04 15.59
N ILE A 1051 -27.12 -14.01 15.54
CA ILE A 1051 -25.72 -14.13 15.96
C ILE A 1051 -25.53 -13.22 17.16
N CYS A 1052 -24.97 -13.77 18.24
CA CYS A 1052 -24.53 -12.98 19.38
C CYS A 1052 -23.03 -13.13 19.53
N ILE A 1053 -22.33 -11.99 19.62
CA ILE A 1053 -20.88 -11.95 19.62
C ILE A 1053 -20.41 -11.04 20.74
N GLU A 1054 -19.32 -11.43 21.39
CA GLU A 1054 -18.57 -10.55 22.26
C GLU A 1054 -17.10 -10.60 21.85
N VAL A 1055 -16.50 -9.44 21.58
CA VAL A 1055 -15.08 -9.37 21.24
C VAL A 1055 -14.29 -9.34 22.53
N LEU A 1056 -13.59 -10.43 22.84
CA LEU A 1056 -12.90 -10.59 24.13
C LEU A 1056 -11.52 -9.96 24.11
N GLY A 1057 -10.72 -10.26 23.09
CA GLY A 1057 -9.39 -9.70 22.99
C GLY A 1057 -8.81 -9.84 21.60
N ALA A 1058 -7.53 -9.49 21.49
CA ALA A 1058 -6.81 -9.58 20.23
C ALA A 1058 -5.35 -9.84 20.56
N ARG A 1059 -4.62 -10.40 19.60
CA ARG A 1059 -3.18 -10.58 19.72
C ARG A 1059 -2.52 -10.21 18.40
N HIS A 1060 -1.30 -9.68 18.51
CA HIS A 1060 -0.38 -9.48 17.39
C HIS A 1060 -0.99 -8.60 16.30
N LEU A 1061 -1.75 -7.60 16.71
CA LEU A 1061 -2.28 -6.64 15.75
C LEU A 1061 -1.14 -5.89 15.06
N PRO A 1062 -1.27 -5.61 13.77
CA PRO A 1062 -0.22 -4.89 13.06
C PRO A 1062 -0.21 -3.41 13.43
N LYS A 1063 0.91 -2.78 13.10
CA LYS A 1063 1.12 -1.37 13.34
C LYS A 1063 0.73 -0.57 12.11
N ASN A 1064 0.34 0.69 12.37
CA ASN A 1064 0.14 1.66 11.32
C ASN A 1064 1.09 2.84 11.53
N GLY A 1065 2.39 2.59 11.40
CA GLY A 1065 3.38 3.62 11.55
C GLY A 1065 4.23 3.39 12.79
N ARG A 1066 4.70 4.49 13.37
CA ARG A 1066 5.66 4.43 14.48
C ARG A 1066 4.98 4.23 15.84
N GLY A 1067 3.74 4.68 16.00
CA GLY A 1067 3.13 4.67 17.30
C GLY A 1067 2.67 3.30 17.72
N ILE A 1068 1.87 3.28 18.78
CA ILE A 1068 1.18 2.08 19.23
C ILE A 1068 -0.29 2.31 18.96
N VAL A 1069 -0.94 1.32 18.33
CA VAL A 1069 -2.31 1.54 17.89
C VAL A 1069 -3.25 1.51 19.09
N CYS A 1070 -4.39 2.17 18.95
CA CYS A 1070 -5.45 2.17 19.95
C CYS A 1070 -6.67 1.54 19.30
N PRO A 1071 -6.79 0.21 19.35
CA PRO A 1071 -7.68 -0.50 18.44
C PRO A 1071 -9.11 -0.64 18.92
N PHE A 1072 -10.01 -0.71 17.94
CA PHE A 1072 -11.39 -1.07 18.16
C PHE A 1072 -11.84 -1.95 17.00
N VAL A 1073 -12.88 -2.74 17.23
CA VAL A 1073 -13.30 -3.74 16.26
C VAL A 1073 -14.69 -3.40 15.80
N GLU A 1074 -14.85 -3.26 14.50
CA GLU A 1074 -16.13 -3.09 13.85
C GLU A 1074 -16.58 -4.45 13.34
N ILE A 1075 -17.80 -4.84 13.69
CA ILE A 1075 -18.41 -6.08 13.23
C ILE A 1075 -19.56 -5.70 12.32
N GLU A 1076 -19.66 -6.38 11.19
CA GLU A 1076 -20.61 -6.05 10.15
C GLU A 1076 -21.28 -7.31 9.63
N VAL A 1077 -22.59 -7.25 9.39
CA VAL A 1077 -23.25 -8.24 8.55
C VAL A 1077 -23.56 -7.56 7.22
N ALA A 1078 -23.16 -8.19 6.12
CA ALA A 1078 -23.39 -7.69 4.76
C ALA A 1078 -24.16 -8.74 3.96
N GLY A 1079 -25.28 -8.33 3.39
CA GLY A 1079 -26.11 -9.18 2.57
C GLY A 1079 -27.07 -8.28 1.82
N ALA A 1080 -28.36 -8.60 1.85
CA ALA A 1080 -29.33 -7.65 1.33
C ALA A 1080 -29.37 -6.42 2.23
N GLU A 1081 -29.98 -5.35 1.72
CA GLU A 1081 -30.09 -4.15 2.56
C GLU A 1081 -30.78 -4.46 3.87
N TYR A 1082 -31.87 -5.25 3.82
CA TYR A 1082 -32.64 -5.54 5.02
C TYR A 1082 -31.88 -6.36 6.06
N ASP A 1083 -30.73 -6.95 5.70
CA ASP A 1083 -29.91 -7.72 6.62
C ASP A 1083 -28.63 -7.00 7.02
N SER A 1084 -28.32 -5.85 6.42
CA SER A 1084 -27.02 -5.24 6.54
C SER A 1084 -26.99 -4.25 7.69
N THR A 1085 -25.96 -4.35 8.53
CA THR A 1085 -25.84 -3.54 9.72
C THR A 1085 -24.40 -3.66 10.24
N LYS A 1086 -23.98 -2.62 10.97
CA LYS A 1086 -22.65 -2.52 11.57
C LYS A 1086 -22.77 -2.20 13.05
N GLN A 1087 -21.78 -2.66 13.81
CA GLN A 1087 -21.64 -2.39 15.24
C GLN A 1087 -20.15 -2.29 15.52
N LYS A 1088 -19.79 -1.62 16.63
CA LYS A 1088 -18.37 -1.51 16.95
C LYS A 1088 -18.13 -1.58 18.46
N THR A 1089 -16.91 -1.98 18.81
CA THR A 1089 -16.44 -1.86 20.18
C THR A 1089 -15.84 -0.48 20.41
N GLU A 1090 -15.57 -0.19 21.69
CA GLU A 1090 -14.76 0.96 22.05
C GLU A 1090 -13.31 0.67 21.72
N PHE A 1091 -12.50 1.72 21.68
CA PHE A 1091 -11.07 1.51 21.45
C PHE A 1091 -10.35 1.38 22.79
N VAL A 1092 -9.26 0.62 22.78
CA VAL A 1092 -8.42 0.51 23.96
C VAL A 1092 -7.10 1.24 23.68
N VAL A 1093 -6.49 1.75 24.75
CA VAL A 1093 -5.37 2.70 24.67
C VAL A 1093 -4.04 1.94 24.55
N ASP A 1094 -3.20 2.36 23.62
CA ASP A 1094 -1.77 2.00 23.57
C ASP A 1094 -1.50 0.50 23.68
N ASN A 1095 -2.20 -0.31 22.87
CA ASN A 1095 -1.95 -1.75 22.91
C ASN A 1095 -2.47 -2.43 21.64
N GLY A 1096 -1.57 -3.03 20.85
CA GLY A 1096 -1.97 -3.82 19.72
C GLY A 1096 -1.48 -5.25 19.88
N LEU A 1097 -0.54 -5.44 20.81
CA LEU A 1097 0.03 -6.77 20.97
C LEU A 1097 -0.92 -7.74 21.66
N ASN A 1098 -1.60 -7.30 22.74
CA ASN A 1098 -2.52 -8.15 23.48
C ASN A 1098 -3.67 -7.38 24.16
N PRO A 1099 -4.41 -6.53 23.43
CA PRO A 1099 -5.51 -5.79 24.07
C PRO A 1099 -6.69 -6.69 24.40
N VAL A 1100 -7.44 -6.25 25.41
CA VAL A 1100 -8.76 -6.78 25.73
C VAL A 1100 -9.73 -5.61 25.81
N TRP A 1101 -10.99 -5.88 25.50
CA TRP A 1101 -12.06 -4.90 25.37
C TRP A 1101 -13.09 -5.10 26.48
N PRO A 1102 -13.81 -4.04 26.86
CA PRO A 1102 -14.84 -4.17 27.89
C PRO A 1102 -16.02 -4.97 27.37
N ALA A 1103 -16.93 -5.28 28.28
CA ALA A 1103 -18.16 -5.96 27.90
C ALA A 1103 -18.99 -5.07 26.98
N LYS A 1104 -19.38 -5.63 25.84
CA LYS A 1104 -20.33 -4.99 24.93
C LYS A 1104 -20.91 -6.10 24.07
N PRO A 1105 -21.92 -6.80 24.57
CA PRO A 1105 -22.54 -7.88 23.79
C PRO A 1105 -23.23 -7.33 22.55
N PHE A 1106 -23.04 -8.01 21.42
CA PHE A 1106 -23.61 -7.60 20.15
C PHE A 1106 -24.62 -8.63 19.66
N HIS A 1107 -25.69 -8.15 19.04
CA HIS A 1107 -26.65 -9.05 18.42
C HIS A 1107 -26.82 -8.67 16.95
N PHE A 1108 -26.85 -9.69 16.09
CA PHE A 1108 -27.21 -9.53 14.68
C PHE A 1108 -28.29 -10.53 14.32
N GLN A 1109 -29.24 -10.09 13.49
CA GLN A 1109 -30.29 -10.97 13.02
C GLN A 1109 -30.28 -10.93 11.50
N ILE A 1110 -30.33 -12.10 10.89
CA ILE A 1110 -30.17 -12.26 9.44
C ILE A 1110 -31.38 -13.02 8.94
N SER A 1111 -32.22 -12.35 8.16
CA SER A 1111 -33.39 -13.04 7.62
C SER A 1111 -32.99 -13.97 6.46
N ASN A 1112 -31.91 -13.67 5.75
CA ASN A 1112 -31.44 -14.57 4.69
C ASN A 1112 -30.00 -14.98 4.94
N PRO A 1113 -29.75 -16.03 5.73
CA PRO A 1113 -28.37 -16.45 5.96
C PRO A 1113 -27.74 -17.13 4.77
N GLU A 1114 -28.46 -17.31 3.66
CA GLU A 1114 -27.84 -17.88 2.47
C GLU A 1114 -27.08 -16.85 1.65
N PHE A 1115 -27.39 -15.57 1.84
CA PHE A 1115 -26.62 -14.48 1.24
C PHE A 1115 -26.29 -13.52 2.38
N ALA A 1116 -25.22 -13.81 3.11
CA ALA A 1116 -24.85 -13.01 4.26
C ALA A 1116 -23.40 -13.29 4.61
N PHE A 1117 -22.68 -12.23 4.95
CA PHE A 1117 -21.26 -12.25 5.30
C PHE A 1117 -21.09 -11.68 6.70
N LEU A 1118 -20.19 -12.28 7.49
CA LEU A 1118 -19.82 -11.76 8.80
C LEU A 1118 -18.44 -11.17 8.67
N ARG A 1119 -18.34 -9.85 8.87
CA ARG A 1119 -17.13 -9.09 8.62
C ARG A 1119 -16.60 -8.43 9.89
N PHE A 1120 -15.33 -8.66 10.17
CA PHE A 1120 -14.60 -8.06 11.29
C PHE A 1120 -13.54 -7.12 10.73
N VAL A 1121 -13.59 -5.85 11.11
CA VAL A 1121 -12.52 -4.91 10.75
C VAL A 1121 -11.91 -4.36 12.02
N VAL A 1122 -10.60 -4.51 12.15
CA VAL A 1122 -9.84 -3.86 13.22
C VAL A 1122 -9.33 -2.52 12.72
N TYR A 1123 -9.70 -1.46 13.45
CA TYR A 1123 -9.28 -0.08 13.22
C TYR A 1123 -8.41 0.38 14.38
N GLU A 1124 -7.56 1.36 14.14
CA GLU A 1124 -6.97 2.14 15.21
C GLU A 1124 -7.64 3.51 15.26
N GLU A 1125 -7.82 4.02 16.47
CA GLU A 1125 -8.16 5.43 16.68
C GLU A 1125 -6.85 6.19 16.83
N ASP A 1126 -6.54 7.07 15.88
CA ASP A 1126 -5.25 7.74 15.97
C ASP A 1126 -5.42 9.04 16.75
N MET A 1127 -4.29 9.75 16.94
CA MET A 1127 -4.27 10.95 17.78
C MET A 1127 -5.14 12.07 17.24
N PHE A 1128 -5.51 12.05 15.95
CA PHE A 1128 -6.39 13.08 15.43
C PHE A 1128 -7.86 12.66 15.48
N SER A 1129 -8.16 11.56 16.16
CA SER A 1129 -9.52 11.01 16.19
C SER A 1129 -9.98 10.54 14.82
N ASP A 1130 -9.05 10.18 13.95
CA ASP A 1130 -9.39 9.44 12.75
C ASP A 1130 -9.35 7.94 13.03
N GLN A 1131 -9.91 7.16 12.10
CA GLN A 1131 -10.03 5.71 12.22
C GLN A 1131 -9.29 5.09 11.05
N ASN A 1132 -8.23 4.35 11.33
CA ASN A 1132 -7.39 3.79 10.27
C ASN A 1132 -7.44 2.29 10.31
N PHE A 1133 -7.76 1.70 9.15
CA PHE A 1133 -7.75 0.24 8.97
C PHE A 1133 -6.42 -0.37 9.43
N LEU A 1134 -6.51 -1.45 10.19
CA LEU A 1134 -5.38 -2.28 10.56
C LEU A 1134 -5.43 -3.69 10.00
N ALA A 1135 -6.59 -4.33 9.98
CA ALA A 1135 -6.73 -5.74 9.63
C ALA A 1135 -8.22 -6.06 9.55
N GLN A 1136 -8.51 -7.21 8.95
CA GLN A 1136 -9.88 -7.59 8.66
C GLN A 1136 -9.96 -9.09 8.49
N ALA A 1137 -11.15 -9.65 8.75
CA ALA A 1137 -11.48 -11.01 8.37
C ALA A 1137 -12.96 -11.05 8.01
N THR A 1138 -13.27 -11.55 6.84
CA THR A 1138 -14.62 -11.61 6.32
C THR A 1138 -14.96 -13.05 5.99
N PHE A 1139 -16.15 -13.49 6.39
CA PHE A 1139 -16.57 -14.89 6.21
C PHE A 1139 -17.99 -14.98 5.68
N PRO A 1140 -18.27 -15.92 4.78
CA PRO A 1140 -19.66 -16.29 4.53
C PRO A 1140 -20.27 -16.84 5.82
N VAL A 1141 -21.51 -16.46 6.09
CA VAL A 1141 -22.11 -16.82 7.37
C VAL A 1141 -22.34 -18.33 7.50
N LYS A 1142 -22.58 -19.02 6.38
CA LYS A 1142 -22.80 -20.47 6.42
C LYS A 1142 -21.62 -21.26 6.99
N GLY A 1143 -20.40 -20.73 6.92
CA GLY A 1143 -19.28 -21.46 7.49
C GLY A 1143 -18.86 -21.18 8.92
N LEU A 1144 -19.72 -20.52 9.72
CA LEU A 1144 -19.35 -20.08 11.06
C LEU A 1144 -19.53 -21.19 12.09
N LYS A 1145 -18.48 -21.44 12.88
CA LYS A 1145 -18.61 -22.30 14.04
C LYS A 1145 -18.91 -21.46 15.30
N THR A 1146 -19.34 -22.13 16.36
CA THR A 1146 -19.79 -21.47 17.57
C THR A 1146 -18.81 -21.70 18.71
N GLY A 1147 -19.06 -20.98 19.80
CA GLY A 1147 -18.26 -21.10 21.01
C GLY A 1147 -17.29 -19.95 21.22
N TYR A 1148 -16.14 -20.25 21.83
CA TYR A 1148 -15.07 -19.29 22.00
C TYR A 1148 -14.09 -19.55 20.85
N ARG A 1149 -14.05 -18.63 19.89
CA ARG A 1149 -13.45 -18.89 18.59
C ARG A 1149 -12.40 -17.85 18.25
N ALA A 1150 -11.33 -18.30 17.61
CA ALA A 1150 -10.37 -17.37 17.07
C ALA A 1150 -10.87 -16.79 15.76
N VAL A 1151 -10.48 -15.55 15.50
CA VAL A 1151 -10.72 -14.89 14.22
C VAL A 1151 -9.37 -14.56 13.61
N PRO A 1152 -8.87 -15.40 12.70
CA PRO A 1152 -7.54 -15.13 12.11
C PRO A 1152 -7.62 -13.96 11.15
N LEU A 1153 -6.68 -13.02 11.28
CA LEU A 1153 -6.82 -11.72 10.65
C LEU A 1153 -5.96 -11.61 9.41
N LYS A 1154 -6.49 -10.85 8.44
CA LYS A 1154 -5.87 -10.62 7.16
C LYS A 1154 -5.58 -9.13 6.97
N ASN A 1155 -4.71 -8.82 6.01
CA ASN A 1155 -4.48 -7.45 5.59
C ASN A 1155 -5.55 -7.03 4.57
N ASN A 1156 -5.38 -5.86 3.95
CA ASN A 1156 -6.45 -5.37 3.12
C ASN A 1156 -6.46 -6.04 1.74
N TYR A 1157 -5.35 -6.67 1.35
CA TYR A 1157 -5.25 -7.54 0.17
C TYR A 1157 -5.75 -8.95 0.45
N SER A 1158 -6.19 -9.22 1.67
CA SER A 1158 -6.75 -10.49 2.15
C SER A 1158 -5.68 -11.56 2.34
N GLU A 1159 -4.45 -11.15 2.62
CA GLU A 1159 -3.37 -12.07 2.93
C GLU A 1159 -3.28 -12.28 4.43
N ASP A 1160 -2.95 -13.51 4.83
CA ASP A 1160 -2.93 -13.86 6.24
C ASP A 1160 -1.82 -13.09 6.95
N LEU A 1161 -2.16 -12.35 8.01
CA LEU A 1161 -1.18 -11.72 8.86
C LEU A 1161 -0.57 -12.76 9.81
N GLU A 1162 0.70 -12.56 10.16
CA GLU A 1162 1.41 -13.46 11.07
C GLU A 1162 0.79 -13.32 12.47
N LEU A 1163 0.15 -14.40 12.95
CA LEU A 1163 -0.34 -14.54 14.34
C LEU A 1163 -1.52 -13.65 14.68
N ALA A 1164 -1.74 -12.58 13.91
CA ALA A 1164 -2.76 -11.62 14.27
C ALA A 1164 -4.14 -12.27 14.30
N SER A 1165 -4.84 -12.11 15.43
CA SER A 1165 -6.17 -12.70 15.54
C SER A 1165 -6.95 -12.03 16.67
N LEU A 1166 -8.27 -12.18 16.62
CA LEU A 1166 -9.14 -11.86 17.74
C LEU A 1166 -9.62 -13.15 18.38
N LEU A 1167 -10.04 -13.04 19.64
CA LEU A 1167 -10.79 -14.07 20.33
C LEU A 1167 -12.19 -13.53 20.59
N ILE A 1168 -13.20 -14.23 20.10
CA ILE A 1168 -14.58 -13.82 20.31
C ILE A 1168 -15.33 -14.95 20.98
N LYS A 1169 -16.48 -14.59 21.56
CA LYS A 1169 -17.49 -15.55 21.95
C LYS A 1169 -18.62 -15.39 20.94
N ILE A 1170 -18.93 -16.46 20.21
CA ILE A 1170 -19.96 -16.39 19.17
C ILE A 1170 -21.00 -17.48 19.42
N ASP A 1171 -22.28 -17.08 19.44
CA ASP A 1171 -23.40 -18.01 19.58
C ASP A 1171 -24.34 -17.76 18.41
N ILE A 1172 -24.73 -18.84 17.71
CA ILE A 1172 -25.58 -18.77 16.53
C ILE A 1172 -26.87 -19.54 16.80
N PHE A 1173 -28.01 -18.89 16.53
CA PHE A 1173 -29.33 -19.48 16.69
C PHE A 1173 -30.08 -19.43 15.36
N PRO A 1174 -30.83 -20.49 15.01
CA PRO A 1174 -31.21 -21.66 15.81
C PRO A 1174 -30.06 -22.64 16.09
N ALA A 1175 -30.22 -23.41 17.16
CA ALA A 1175 -29.20 -24.38 17.55
C ALA A 1175 -29.10 -25.50 16.52
N LYS A 1176 -27.88 -25.74 16.02
CA LYS A 1176 -27.62 -26.83 15.08
C LYS A 1176 -28.15 -28.17 15.58
#